data_5ZQB
#
_entry.id   5ZQB
#
_cell.length_a   74.716
_cell.length_b   98.900
_cell.length_c   77.453
_cell.angle_alpha   90.00
_cell.angle_beta   104.30
_cell.angle_gamma   90.00
#
_symmetry.space_group_name_H-M   'P 1 21 1'
#
loop_
_entity.id
_entity.type
_entity.pdbx_description
1 polymer 'Lmo2812 protein'
2 non-polymer 'OPEN FORM - PENICILLIN G'
3 non-polymer GLYCEROL
4 water water
#
_entity_poly.entity_id   1
_entity_poly.type   'polypeptide(L)'
_entity_poly.pdbx_seq_one_letter_code
;HHHHHHDYDIPTTENLYFQGAMGSSTEQPNLYLSANAAAVYSVENGEALYEQNADKVMPIASLSKLMTAFLVLEAVDNNE
LSWDEKLDLVRLDDPSAVSLYAITQKRTWSVRDLYSAMLTMSANDAAETLGDRLDGADFPKEMNNQAKKLGMSSKTTFVS
ASGLDVDGKSAVSTTKDLFLLSSKLISTHPEVLETTSKPTVTTDKGAKLESTNDLLGSIQGLDGLKTGFTDEAGYCFIGT
AERGGKRVISIVLDAGTAEKRFKDTEKLMEVGFKED
;
_entity_poly.pdbx_strand_id   A,B,C,D
#
loop_
_chem_comp.id
_chem_comp.type
_chem_comp.name
_chem_comp.formula
GOL non-polymer GLYCEROL 'C3 H8 O3'
PNM non-polymer 'OPEN FORM - PENICILLIN G' 'C16 H20 N2 O4 S'
#
# COMPACT_ATOMS: atom_id res chain seq x y z
N GLN A 28 -17.46 29.97 -10.49
CA GLN A 28 -16.75 29.47 -9.31
C GLN A 28 -17.64 29.59 -8.07
N PRO A 29 -17.42 28.73 -7.08
CA PRO A 29 -18.27 28.76 -5.87
C PRO A 29 -18.12 30.07 -5.12
N ASN A 30 -19.20 30.45 -4.43
CA ASN A 30 -19.20 31.65 -3.61
C ASN A 30 -18.71 31.27 -2.21
N LEU A 31 -17.44 31.52 -1.93
CA LEU A 31 -16.84 31.22 -0.65
C LEU A 31 -16.61 32.51 0.13
N TYR A 32 -16.79 32.43 1.44
CA TYR A 32 -16.55 33.53 2.36
C TYR A 32 -15.30 33.17 3.14
N LEU A 33 -14.16 33.57 2.59
CA LEU A 33 -12.87 33.22 3.17
C LEU A 33 -12.39 34.33 4.09
N SER A 34 -11.54 33.95 5.04
CA SER A 34 -10.80 34.96 5.81
C SER A 34 -9.69 35.56 4.96
N ALA A 35 -9.05 34.73 4.14
CA ALA A 35 -7.88 35.12 3.37
C ALA A 35 -8.15 36.31 2.46
N ASN A 36 -7.13 37.15 2.28
CA ASN A 36 -7.24 38.23 1.30
C ASN A 36 -7.04 37.71 -0.12
N ALA A 37 -6.18 36.73 -0.29
CA ALA A 37 -5.93 36.09 -1.57
C ALA A 37 -5.94 34.58 -1.37
N ALA A 38 -6.61 33.86 -2.26
CA ALA A 38 -6.75 32.43 -2.10
C ALA A 38 -7.13 31.79 -3.43
N ALA A 39 -6.77 30.52 -3.59
CA ALA A 39 -7.15 29.78 -4.78
C ALA A 39 -6.97 28.29 -4.56
N VAL A 40 -7.58 27.51 -5.44
CA VAL A 40 -7.31 26.08 -5.48
C VAL A 40 -7.25 25.67 -6.94
N TYR A 41 -6.30 24.80 -7.26
CA TYR A 41 -5.97 24.44 -8.63
C TYR A 41 -5.91 22.93 -8.76
N SER A 42 -6.35 22.42 -9.90
CA SER A 42 -6.11 21.02 -10.24
C SER A 42 -4.72 20.89 -10.83
N VAL A 43 -3.98 19.89 -10.35
CA VAL A 43 -2.60 19.69 -10.80
C VAL A 43 -2.54 19.26 -12.25
N GLU A 44 -3.43 18.34 -12.67
CA GLU A 44 -3.22 17.67 -13.95
C GLU A 44 -3.48 18.57 -15.14
N ASN A 45 -4.06 19.75 -14.95
CA ASN A 45 -4.18 20.71 -16.05
C ASN A 45 -3.92 22.15 -15.61
N GLY A 46 -3.51 22.40 -14.37
CA GLY A 46 -3.29 23.74 -13.89
C GLY A 46 -4.54 24.59 -13.79
N GLU A 47 -5.72 24.02 -13.95
CA GLU A 47 -6.95 24.80 -14.02
C GLU A 47 -7.34 25.34 -12.64
N ALA A 48 -7.73 26.61 -12.62
CA ALA A 48 -8.29 27.21 -11.42
C ALA A 48 -9.70 26.68 -11.14
N LEU A 49 -9.93 26.22 -9.91
CA LEU A 49 -11.26 25.85 -9.46
C LEU A 49 -11.89 26.88 -8.55
N TYR A 50 -11.06 27.68 -7.88
CA TYR A 50 -11.53 28.89 -7.24
C TYR A 50 -10.35 29.85 -7.21
N GLU A 51 -10.63 31.14 -7.36
CA GLU A 51 -9.58 32.14 -7.35
C GLU A 51 -10.13 33.44 -6.80
N GLN A 52 -9.32 34.09 -5.96
CA GLN A 52 -9.68 35.37 -5.37
C GLN A 52 -8.39 36.16 -5.21
N ASN A 53 -8.28 37.28 -5.92
CA ASN A 53 -7.04 38.08 -5.89
C ASN A 53 -5.82 37.24 -6.27
N ALA A 54 -6.00 36.35 -7.25
CA ALA A 54 -4.97 35.38 -7.58
C ALA A 54 -3.72 36.00 -8.21
N ASP A 55 -3.82 37.22 -8.77
CA ASP A 55 -2.68 37.91 -9.34
C ASP A 55 -2.12 39.00 -8.43
N LYS A 56 -2.69 39.17 -7.25
CA LYS A 56 -2.26 40.24 -6.35
C LYS A 56 -0.92 39.88 -5.72
N VAL A 57 0.03 40.84 -5.73
CA VAL A 57 1.31 40.60 -5.09
C VAL A 57 1.12 40.65 -3.56
N MET A 58 1.55 39.58 -2.88
CA MET A 58 1.39 39.41 -1.46
C MET A 58 2.71 38.99 -0.82
N PRO A 59 3.02 39.46 0.39
CA PRO A 59 4.16 38.90 1.13
C PRO A 59 3.91 37.44 1.46
N ILE A 60 4.94 36.60 1.33
CA ILE A 60 4.76 35.16 1.50
C ILE A 60 5.54 34.57 2.67
N ALA A 61 6.51 35.29 3.25
CA ALA A 61 7.18 34.87 4.50
C ALA A 61 7.68 33.42 4.36
N SER A 62 7.35 32.52 5.29
CA SER A 62 7.95 31.19 5.37
C SER A 62 7.54 30.27 4.24
N LEU A 63 6.57 30.66 3.41
CA LEU A 63 6.32 29.87 2.21
C LEU A 63 7.53 29.82 1.30
N SER A 64 8.44 30.80 1.42
CA SER A 64 9.73 30.77 0.73
C SER A 64 10.48 29.46 0.95
N LYS A 65 10.31 28.82 2.12
CA LYS A 65 11.04 27.60 2.43
C LYS A 65 10.75 26.48 1.43
N LEU A 66 9.61 26.55 0.71
CA LEU A 66 9.36 25.57 -0.34
C LEU A 66 10.39 25.69 -1.46
N MET A 67 10.80 26.92 -1.79
CA MET A 67 11.87 27.10 -2.76
C MET A 67 13.20 26.61 -2.21
N THR A 68 13.49 26.92 -0.95
CA THR A 68 14.72 26.42 -0.36
C THR A 68 14.73 24.90 -0.34
N ALA A 69 13.59 24.27 -0.01
CA ALA A 69 13.52 22.81 -0.08
C ALA A 69 13.77 22.31 -1.50
N PHE A 70 13.18 22.99 -2.50
CA PHE A 70 13.41 22.63 -3.90
C PHE A 70 14.90 22.61 -4.20
N LEU A 71 15.62 23.65 -3.79
CA LEU A 71 17.02 23.74 -4.17
C LEU A 71 17.88 22.77 -3.37
N VAL A 72 17.45 22.41 -2.16
CA VAL A 72 18.18 21.39 -1.40
C VAL A 72 18.09 20.04 -2.12
N LEU A 73 16.87 19.64 -2.52
CA LEU A 73 16.68 18.40 -3.24
C LEU A 73 17.40 18.42 -4.59
N GLU A 74 17.36 19.54 -5.29
CA GLU A 74 18.11 19.66 -6.55
C GLU A 74 19.60 19.43 -6.32
N ALA A 75 20.13 19.94 -5.21
CA ALA A 75 21.56 19.79 -4.94
C ALA A 75 21.93 18.36 -4.59
N VAL A 76 21.12 17.68 -3.79
CA VAL A 76 21.40 16.28 -3.50
C VAL A 76 21.41 15.47 -4.80
N ASP A 77 20.44 15.73 -5.66
CA ASP A 77 20.36 15.01 -6.93
C ASP A 77 21.52 15.37 -7.84
N ASN A 78 22.01 16.59 -7.76
CA ASN A 78 23.14 16.98 -8.58
C ASN A 78 24.48 16.53 -8.01
N ASN A 79 24.47 15.77 -6.91
CA ASN A 79 25.70 15.30 -6.25
C ASN A 79 26.49 16.45 -5.66
N GLU A 80 25.80 17.51 -5.21
CA GLU A 80 26.45 18.70 -4.66
C GLU A 80 26.24 18.82 -3.15
N LEU A 81 25.48 17.91 -2.56
CA LEU A 81 25.05 18.06 -1.18
C LEU A 81 24.77 16.68 -0.62
N SER A 82 25.22 16.45 0.61
CA SER A 82 25.05 15.17 1.29
C SER A 82 23.99 15.30 2.37
N TRP A 83 23.08 14.31 2.43
CA TRP A 83 22.05 14.33 3.47
C TRP A 83 22.67 14.28 4.87
N ASP A 84 23.82 13.65 5.01
CA ASP A 84 24.46 13.45 6.31
C ASP A 84 25.50 14.51 6.65
N GLU A 85 25.80 15.45 5.75
CA GLU A 85 26.73 16.52 6.09
C GLU A 85 26.22 17.30 7.29
N LYS A 86 27.11 17.57 8.25
CA LYS A 86 26.77 18.30 9.47
C LYS A 86 27.02 19.79 9.28
N LEU A 87 26.05 20.62 9.70
CA LEU A 87 26.16 22.07 9.61
C LEU A 87 25.85 22.72 10.95
N ASP A 88 26.45 23.88 11.19
CA ASP A 88 26.12 24.69 12.36
C ASP A 88 24.99 25.65 12.02
N LEU A 89 23.97 25.66 12.87
CA LEU A 89 22.86 26.61 12.73
C LEU A 89 23.37 28.04 12.77
N VAL A 90 22.98 28.85 11.80
CA VAL A 90 23.35 30.26 11.85
C VAL A 90 22.49 30.97 12.89
N ARG A 91 23.03 32.05 13.45
CA ARG A 91 22.30 32.83 14.44
C ARG A 91 21.34 33.78 13.72
N LEU A 92 20.10 33.86 14.21
CA LEU A 92 19.10 34.71 13.58
C LEU A 92 19.27 36.15 14.04
N ASP A 93 19.12 37.08 13.09
CA ASP A 93 19.18 38.51 13.40
C ASP A 93 18.13 38.88 14.45
N ASP A 94 16.93 38.31 14.34
CA ASP A 94 15.84 38.61 15.28
C ASP A 94 15.63 37.43 16.22
N PRO A 95 15.85 37.59 17.52
CA PRO A 95 15.69 36.45 18.45
C PRO A 95 14.24 36.00 18.65
N SER A 96 13.28 36.66 18.01
CA SER A 96 11.88 36.31 18.16
C SER A 96 11.42 35.26 17.15
N ALA A 97 12.09 35.15 16.01
CA ALA A 97 11.67 34.22 14.97
C ALA A 97 11.78 32.79 15.46
N VAL A 98 10.88 31.93 14.96
CA VAL A 98 10.91 30.53 15.36
C VAL A 98 12.21 29.89 14.88
N SER A 99 12.83 29.09 15.76
CA SER A 99 14.16 28.56 15.48
C SER A 99 14.34 27.18 16.09
N LEU A 100 15.15 26.37 15.42
CA LEU A 100 15.47 25.03 15.92
C LEU A 100 16.39 25.11 17.17
N TYR A 101 17.34 26.04 17.19
CA TYR A 101 18.26 26.10 18.33
C TYR A 101 17.50 26.42 19.62
N ALA A 102 16.45 27.23 19.54
CA ALA A 102 15.78 27.68 20.75
C ALA A 102 15.13 26.52 21.50
N ILE A 103 14.54 25.57 20.78
CA ILE A 103 13.83 24.48 21.44
C ILE A 103 14.70 23.26 21.68
N THR A 104 15.93 23.23 21.18
CA THR A 104 16.82 22.09 21.42
C THR A 104 18.12 22.46 22.11
N GLN A 105 18.59 23.70 21.97
CA GLN A 105 19.92 24.12 22.45
C GLN A 105 21.04 23.30 21.82
N LYS A 106 20.82 22.77 20.62
CA LYS A 106 21.83 22.02 19.88
C LYS A 106 22.21 22.80 18.63
N ARG A 107 23.52 23.00 18.43
CA ARG A 107 24.00 23.84 17.35
C ARG A 107 24.15 23.11 16.01
N THR A 108 24.49 21.81 16.03
CA THR A 108 25.00 21.12 14.85
C THR A 108 24.04 20.01 14.42
N TRP A 109 23.64 20.04 13.15
CA TRP A 109 22.63 19.14 12.63
C TRP A 109 23.01 18.70 11.23
N SER A 110 22.53 17.51 10.86
CA SER A 110 22.68 17.06 9.49
C SER A 110 21.79 17.86 8.55
N VAL A 111 22.15 17.86 7.27
CA VAL A 111 21.33 18.49 6.25
C VAL A 111 19.93 17.90 6.24
N ARG A 112 19.83 16.57 6.41
CA ARG A 112 18.52 15.93 6.47
C ARG A 112 17.68 16.52 7.60
N ASP A 113 18.28 16.69 8.78
CA ASP A 113 17.52 17.20 9.92
C ASP A 113 17.14 18.67 9.74
N LEU A 114 18.06 19.49 9.20
CA LEU A 114 17.73 20.88 8.91
C LEU A 114 16.59 20.98 7.92
N TYR A 115 16.61 20.13 6.89
CA TYR A 115 15.54 20.13 5.90
C TYR A 115 14.21 19.69 6.53
N SER A 116 14.24 18.69 7.40
CA SER A 116 13.04 18.32 8.13
C SER A 116 12.56 19.46 9.02
N ALA A 117 13.47 20.12 9.73
CA ALA A 117 13.04 21.18 10.64
C ALA A 117 12.47 22.36 9.86
N MET A 118 13.07 22.67 8.72
CA MET A 118 12.58 23.75 7.88
C MET A 118 11.14 23.50 7.46
N LEU A 119 10.85 22.30 6.95
CA LEU A 119 9.52 21.99 6.42
C LEU A 119 8.49 21.73 7.51
N THR A 120 8.87 21.11 8.63
CA THR A 120 7.92 20.62 9.63
C THR A 120 7.54 21.69 10.66
N MET A 121 8.52 22.29 11.34
CA MET A 121 8.25 23.33 12.33
C MET A 121 8.52 24.73 11.80
N SER A 122 8.97 24.86 10.55
CA SER A 122 9.31 26.17 9.98
C SER A 122 10.45 26.85 10.76
N ALA A 123 11.50 26.08 11.01
CA ALA A 123 12.70 26.58 11.70
C ALA A 123 13.44 27.57 10.82
N ASN A 124 13.38 28.85 11.17
CA ASN A 124 14.03 29.87 10.36
C ASN A 124 15.54 29.67 10.27
N ASP A 125 16.18 29.29 11.39
CA ASP A 125 17.63 29.15 11.36
C ASP A 125 18.06 27.98 10.49
N ALA A 126 17.25 26.91 10.48
CA ALA A 126 17.55 25.77 9.62
C ALA A 126 17.55 26.17 8.15
N ALA A 127 16.55 26.95 7.71
CA ALA A 127 16.49 27.36 6.31
C ALA A 127 17.69 28.22 5.92
N GLU A 128 18.00 29.24 6.73
CA GLU A 128 19.16 30.10 6.44
C GLU A 128 20.44 29.28 6.39
N THR A 129 20.56 28.28 7.25
CA THR A 129 21.74 27.44 7.26
C THR A 129 21.88 26.66 5.97
N LEU A 130 20.77 26.15 5.43
CA LEU A 130 20.81 25.41 4.18
C LEU A 130 21.15 26.32 3.00
N GLY A 131 20.58 27.52 2.99
CA GLY A 131 20.85 28.44 1.91
C GLY A 131 22.30 28.88 1.90
N ASP A 132 22.86 29.11 3.08
CA ASP A 132 24.27 29.48 3.18
C ASP A 132 25.17 28.36 2.66
N ARG A 133 24.86 27.12 3.02
CA ARG A 133 25.66 25.99 2.54
C ARG A 133 25.56 25.84 1.03
N LEU A 134 24.38 26.12 0.47
CA LEU A 134 24.17 25.90 -0.95
C LEU A 134 24.91 26.93 -1.79
N ASP A 135 24.74 28.21 -1.46
CA ASP A 135 25.19 29.28 -2.35
C ASP A 135 25.73 30.50 -1.61
N GLY A 136 25.88 30.41 -0.29
CA GLY A 136 26.41 31.52 0.49
C GLY A 136 25.51 32.73 0.37
N ALA A 137 26.15 33.90 0.19
CA ALA A 137 25.43 35.16 0.05
C ALA A 137 24.72 35.28 -1.28
N ASP A 138 24.88 34.29 -2.15
CA ASP A 138 24.30 34.31 -3.49
C ASP A 138 23.08 33.41 -3.58
N PHE A 139 22.56 32.96 -2.44
CA PHE A 139 21.38 32.10 -2.49
C PHE A 139 20.13 32.78 -3.03
N PRO A 140 19.84 34.05 -2.71
CA PRO A 140 18.63 34.69 -3.29
C PRO A 140 18.59 34.67 -4.80
N LYS A 141 19.73 34.96 -5.45
CA LYS A 141 19.82 34.83 -6.90
C LYS A 141 19.41 33.44 -7.37
N GLU A 142 19.88 32.40 -6.68
CA GLU A 142 19.54 31.05 -7.11
C GLU A 142 18.07 30.73 -6.84
N MET A 143 17.51 31.26 -5.75
CA MET A 143 16.08 31.13 -5.52
C MET A 143 15.28 31.73 -6.66
N ASN A 144 15.65 32.94 -7.09
CA ASN A 144 14.87 33.64 -8.11
C ASN A 144 15.13 33.09 -9.52
N ASN A 145 16.36 32.66 -9.78
CA ASN A 145 16.62 31.93 -11.02
C ASN A 145 15.75 30.69 -11.11
N GLN A 146 15.67 29.93 -10.02
CA GLN A 146 14.81 28.75 -10.04
C GLN A 146 13.35 29.15 -10.24
N ALA A 147 12.92 30.27 -9.64
CA ALA A 147 11.54 30.74 -9.82
C ALA A 147 11.22 30.93 -11.30
N LYS A 148 12.07 31.66 -12.01
CA LYS A 148 11.88 31.83 -13.45
C LYS A 148 11.85 30.47 -14.16
N LYS A 149 12.83 29.61 -13.86
CA LYS A 149 12.87 28.29 -14.47
C LYS A 149 11.60 27.49 -14.20
N LEU A 150 10.93 27.73 -13.08
CA LEU A 150 9.69 27.03 -12.77
C LEU A 150 8.45 27.70 -13.37
N GLY A 151 8.61 28.77 -14.13
CA GLY A 151 7.46 29.42 -14.72
C GLY A 151 6.83 30.51 -13.87
N MET A 152 7.43 30.86 -12.74
CA MET A 152 6.88 31.92 -11.90
C MET A 152 7.09 33.29 -12.56
N SER A 153 6.13 34.18 -12.36
CA SER A 153 6.14 35.48 -13.02
C SER A 153 7.15 36.42 -12.35
N SER A 154 7.42 37.54 -13.02
CA SER A 154 8.32 38.54 -12.44
C SER A 154 7.78 39.15 -11.16
N LYS A 155 6.51 38.91 -10.82
CA LYS A 155 5.95 39.39 -9.56
C LYS A 155 6.54 38.68 -8.35
N THR A 156 7.12 37.49 -8.54
CA THR A 156 7.76 36.77 -7.45
C THR A 156 9.18 37.26 -7.25
N THR A 157 9.53 37.59 -6.01
CA THR A 157 10.91 37.88 -5.64
C THR A 157 11.16 37.28 -4.27
N PHE A 158 12.12 36.37 -4.18
CA PHE A 158 12.60 35.86 -2.90
C PHE A 158 13.75 36.72 -2.40
N VAL A 159 13.87 36.81 -1.08
CA VAL A 159 14.94 37.61 -0.47
C VAL A 159 15.81 36.79 0.47
N SER A 160 15.37 35.62 0.92
CA SER A 160 16.07 34.82 1.90
C SER A 160 15.57 33.39 1.83
N ALA A 161 16.39 32.47 2.33
CA ALA A 161 16.01 31.05 2.36
C ALA A 161 14.83 30.80 3.30
N SER A 162 14.71 31.58 4.37
CA SER A 162 13.63 31.41 5.32
C SER A 162 12.39 32.22 4.96
N GLY A 163 12.56 33.29 4.20
CA GLY A 163 11.49 34.23 3.96
C GLY A 163 11.49 35.41 4.90
N LEU A 164 12.35 35.40 5.93
CA LEU A 164 12.55 36.57 6.76
C LEU A 164 13.02 37.75 5.91
N ASP A 165 12.57 38.95 6.29
CA ASP A 165 12.97 40.17 5.60
C ASP A 165 14.48 40.33 5.62
N VAL A 166 15.01 40.93 4.55
CA VAL A 166 16.43 41.24 4.40
C VAL A 166 16.57 42.71 4.07
N ASP A 167 17.23 43.46 4.95
CA ASP A 167 17.44 44.91 4.77
C ASP A 167 16.14 45.63 4.42
N GLY A 168 15.03 45.18 5.00
CA GLY A 168 13.74 45.79 4.76
C GLY A 168 13.01 45.32 3.51
N LYS A 169 13.56 44.40 2.74
CA LYS A 169 12.88 43.87 1.56
C LYS A 169 12.17 42.58 1.93
N SER A 170 10.97 42.39 1.37
CA SER A 170 10.13 41.25 1.72
C SER A 170 10.01 40.27 0.55
N ALA A 171 9.87 39.00 0.88
CA ALA A 171 9.56 38.00 -0.12
C ALA A 171 8.11 38.16 -0.54
N VAL A 172 7.86 38.20 -1.84
CA VAL A 172 6.49 38.39 -2.34
C VAL A 172 6.25 37.47 -3.52
N SER A 173 4.99 37.12 -3.72
CA SER A 173 4.55 36.30 -4.83
C SER A 173 3.06 36.51 -5.00
N THR A 174 2.45 35.71 -5.89
CA THR A 174 1.02 35.70 -6.11
C THR A 174 0.52 34.28 -5.87
N THR A 175 -0.79 34.10 -5.76
CA THR A 175 -1.29 32.72 -5.58
C THR A 175 -0.99 31.86 -6.82
N LYS A 176 -1.18 32.42 -8.02
CA LYS A 176 -0.86 31.65 -9.22
C LYS A 176 0.60 31.21 -9.22
N ASP A 177 1.51 32.11 -8.88
CA ASP A 177 2.92 31.77 -8.90
C ASP A 177 3.23 30.70 -7.87
N LEU A 178 2.64 30.81 -6.68
CA LEU A 178 2.90 29.81 -5.64
C LEU A 178 2.39 28.43 -6.04
N PHE A 179 1.27 28.38 -6.79
CA PHE A 179 0.83 27.11 -7.34
C PHE A 179 1.85 26.53 -8.30
N LEU A 180 2.44 27.36 -9.16
CA LEU A 180 3.42 26.86 -10.12
C LEU A 180 4.63 26.30 -9.39
N LEU A 181 5.11 27.03 -8.39
CA LEU A 181 6.18 26.54 -7.54
C LEU A 181 5.80 25.23 -6.87
N SER A 182 4.64 25.21 -6.19
CA SER A 182 4.25 24.02 -5.45
C SER A 182 4.08 22.82 -6.36
N SER A 183 3.37 23.01 -7.48
CA SER A 183 3.15 21.88 -8.40
C SER A 183 4.47 21.40 -8.99
N LYS A 184 5.37 22.32 -9.32
CA LYS A 184 6.66 21.90 -9.88
C LYS A 184 7.53 21.21 -8.84
N LEU A 185 7.48 21.67 -7.59
CA LEU A 185 8.19 21.00 -6.51
C LEU A 185 7.72 19.57 -6.34
N ILE A 186 6.40 19.36 -6.30
CA ILE A 186 5.85 18.03 -6.03
C ILE A 186 6.09 17.10 -7.21
N SER A 187 6.02 17.62 -8.44
CA SER A 187 6.23 16.78 -9.60
C SER A 187 7.71 16.48 -9.83
N THR A 188 8.59 17.42 -9.49
CA THR A 188 10.01 17.20 -9.62
C THR A 188 10.55 16.35 -8.50
N HIS A 189 10.08 16.57 -7.27
CA HIS A 189 10.59 15.89 -6.08
C HIS A 189 9.43 15.39 -5.23
N PRO A 190 8.73 14.35 -5.69
CA PRO A 190 7.56 13.88 -4.92
C PRO A 190 7.90 13.41 -3.53
N GLU A 191 9.17 13.05 -3.26
CA GLU A 191 9.54 12.65 -1.92
C GLU A 191 9.38 13.78 -0.91
N VAL A 192 9.26 15.03 -1.37
CA VAL A 192 8.97 16.12 -0.43
C VAL A 192 7.75 15.76 0.41
N LEU A 193 6.77 15.07 -0.20
CA LEU A 193 5.56 14.71 0.53
C LEU A 193 5.81 13.68 1.62
N GLU A 194 6.86 12.86 1.51
CA GLU A 194 7.21 11.95 2.61
C GLU A 194 7.56 12.71 3.88
N THR A 195 8.01 13.95 3.75
CA THR A 195 8.22 14.74 4.94
C THR A 195 6.99 15.56 5.32
N THR A 196 6.38 16.27 4.35
CA THR A 196 5.27 17.16 4.73
C THR A 196 4.03 16.41 5.17
N SER A 197 3.89 15.12 4.83
CA SER A 197 2.73 14.34 5.26
C SER A 197 2.80 13.91 6.72
N LYS A 198 3.96 14.07 7.39
CA LYS A 198 4.05 13.52 8.73
C LYS A 198 3.70 14.58 9.78
N PRO A 199 2.77 14.30 10.69
CA PRO A 199 2.48 15.28 11.76
C PRO A 199 3.63 15.42 12.76
N THR A 200 4.50 14.43 12.87
CA THR A 200 5.73 14.56 13.65
C THR A 200 6.84 13.87 12.89
N VAL A 201 7.99 14.52 12.83
CA VAL A 201 9.19 13.96 12.20
C VAL A 201 10.23 13.76 13.29
N THR A 202 10.73 12.54 13.42
CA THR A 202 11.77 12.21 14.38
C THR A 202 13.11 12.34 13.67
N THR A 203 13.89 13.33 14.07
CA THR A 203 15.10 13.65 13.35
C THR A 203 16.16 12.58 13.54
N ASP A 204 17.18 12.61 12.66
CA ASP A 204 18.35 11.77 12.83
C ASP A 204 18.92 11.89 14.24
N LYS A 205 19.07 13.12 14.73
CA LYS A 205 19.65 13.32 16.05
C LYS A 205 18.79 12.70 17.14
N GLY A 206 17.48 12.91 17.06
CA GLY A 206 16.54 12.29 17.98
C GLY A 206 15.37 13.19 18.30
N ALA A 207 15.58 14.50 18.23
CA ALA A 207 14.52 15.47 18.52
C ALA A 207 13.29 15.18 17.67
N LYS A 208 12.12 15.34 18.29
CA LYS A 208 10.84 15.17 17.63
C LYS A 208 10.27 16.53 17.30
N LEU A 209 10.06 16.82 16.02
CA LEU A 209 9.53 18.08 15.56
C LEU A 209 8.06 17.94 15.18
N GLU A 210 7.23 18.84 15.69
CA GLU A 210 5.80 18.78 15.42
C GLU A 210 5.45 19.61 14.19
N SER A 211 4.60 19.06 13.33
CA SER A 211 4.19 19.80 12.14
C SER A 211 3.32 20.99 12.53
N THR A 212 3.45 22.08 11.76
CA THR A 212 2.54 23.20 11.88
C THR A 212 1.26 22.98 11.08
N ASN A 213 1.23 21.95 10.25
CA ASN A 213 0.09 21.63 9.40
C ASN A 213 -0.97 20.93 10.26
N ASP A 214 -1.89 21.73 10.81
CA ASP A 214 -2.95 21.21 11.68
C ASP A 214 -3.98 20.38 10.91
N LEU A 215 -3.90 20.31 9.59
CA LEU A 215 -4.91 19.61 8.81
C LEU A 215 -4.52 18.18 8.45
N LEU A 216 -3.29 17.76 8.76
CA LEU A 216 -2.94 16.36 8.61
C LEU A 216 -3.84 15.49 9.50
N GLY A 217 -4.44 14.45 8.90
CA GLY A 217 -5.35 13.59 9.61
C GLY A 217 -6.75 14.16 9.74
N SER A 218 -7.00 15.33 9.16
CA SER A 218 -8.29 15.99 9.22
C SER A 218 -8.99 15.96 7.87
N ILE A 219 -8.29 16.33 6.81
CA ILE A 219 -8.81 16.27 5.46
C ILE A 219 -8.25 15.03 4.79
N GLN A 220 -9.14 14.14 4.34
CA GLN A 220 -8.70 12.90 3.71
C GLN A 220 -7.82 13.18 2.49
N GLY A 221 -6.65 12.53 2.47
CA GLY A 221 -5.72 12.65 1.35
C GLY A 221 -4.77 13.83 1.41
N LEU A 222 -4.96 14.72 2.36
CA LEU A 222 -4.09 15.89 2.46
C LEU A 222 -2.72 15.50 3.01
N ASP A 223 -1.66 15.90 2.29
CA ASP A 223 -0.31 15.46 2.67
C ASP A 223 0.73 16.56 2.58
N GLY A 224 0.33 17.83 2.43
CA GLY A 224 1.23 18.97 2.38
C GLY A 224 0.39 20.22 2.58
N LEU A 225 1.03 21.39 2.53
CA LEU A 225 2.43 21.52 2.15
C LEU A 225 3.26 22.42 3.10
N LYS A 226 2.76 23.62 3.42
CA LYS A 226 3.58 24.55 4.19
C LYS A 226 2.80 25.74 4.76
N THR A 227 3.01 26.05 6.03
CA THR A 227 2.39 27.22 6.63
C THR A 227 3.32 28.43 6.56
N GLY A 228 2.75 29.59 6.86
CA GLY A 228 3.53 30.81 7.02
C GLY A 228 2.75 31.82 7.84
N PHE A 229 3.49 32.69 8.53
CA PHE A 229 2.87 33.79 9.26
C PHE A 229 3.90 34.87 9.53
N THR A 230 3.54 36.11 9.19
CA THR A 230 4.10 37.31 9.81
C THR A 230 2.96 38.29 9.99
N ASP A 231 3.19 39.35 10.77
CA ASP A 231 2.16 40.38 10.90
C ASP A 231 1.75 40.91 9.54
N GLU A 232 2.71 41.07 8.64
CA GLU A 232 2.42 41.68 7.33
C GLU A 232 1.82 40.65 6.38
N ALA A 233 2.25 39.39 6.46
CA ALA A 233 1.73 38.35 5.59
C ALA A 233 0.41 37.76 6.06
N GLY A 234 0.02 38.01 7.32
CA GLY A 234 -1.09 37.28 7.89
C GLY A 234 -0.75 35.79 7.96
N TYR A 235 -1.79 35.01 8.24
CA TYR A 235 -1.64 33.57 8.39
C TYR A 235 -1.85 32.91 7.04
N CYS A 236 -0.86 32.15 6.58
CA CYS A 236 -0.88 31.59 5.24
C CYS A 236 -0.69 30.07 5.27
N PHE A 237 -1.22 29.41 4.24
CA PHE A 237 -1.03 27.97 4.11
C PHE A 237 -1.09 27.56 2.66
N ILE A 238 -0.15 26.72 2.24
CA ILE A 238 -0.26 26.00 0.98
C ILE A 238 -0.57 24.55 1.31
N GLY A 239 -1.70 24.05 0.82
CA GLY A 239 -2.09 22.69 1.10
C GLY A 239 -2.14 21.89 -0.17
N THR A 240 -2.01 20.57 -0.04
CA THR A 240 -2.17 19.70 -1.20
C THR A 240 -2.77 18.40 -0.71
N ALA A 241 -3.61 17.80 -1.56
CA ALA A 241 -4.29 16.56 -1.24
C ALA A 241 -4.47 15.77 -2.52
N GLU A 242 -4.51 14.44 -2.39
CA GLU A 242 -4.78 13.60 -3.56
C GLU A 242 -5.83 12.56 -3.20
N ARG A 243 -6.77 12.34 -4.12
CA ARG A 243 -7.80 11.32 -3.97
C ARG A 243 -8.05 10.71 -5.34
N GLY A 244 -7.87 9.40 -5.44
CA GLY A 244 -8.21 8.69 -6.68
C GLY A 244 -7.52 9.25 -7.90
N GLY A 245 -6.24 9.59 -7.79
CA GLY A 245 -5.47 10.10 -8.90
C GLY A 245 -5.50 11.60 -9.08
N LYS A 246 -6.49 12.29 -8.52
CA LYS A 246 -6.64 13.73 -8.68
C LYS A 246 -5.98 14.44 -7.50
N ARG A 247 -5.00 15.29 -7.78
CA ARG A 247 -4.32 16.09 -6.75
C ARG A 247 -4.65 17.56 -6.99
N VAL A 248 -4.93 18.28 -5.90
CA VAL A 248 -5.16 19.71 -5.97
C VAL A 248 -4.18 20.42 -5.04
N ILE A 249 -3.94 21.68 -5.33
CA ILE A 249 -3.15 22.56 -4.48
C ILE A 249 -3.99 23.78 -4.14
N SER A 250 -4.10 24.06 -2.86
CA SER A 250 -4.77 25.26 -2.36
C SER A 250 -3.74 26.26 -1.84
N ILE A 251 -4.02 27.56 -2.03
CA ILE A 251 -3.19 28.66 -1.55
C ILE A 251 -4.08 29.59 -0.73
N VAL A 252 -3.66 29.91 0.49
CA VAL A 252 -4.38 30.84 1.36
C VAL A 252 -3.37 31.86 1.86
N LEU A 253 -3.59 33.13 1.55
CA LEU A 253 -2.69 34.20 1.98
C LEU A 253 -3.47 35.23 2.78
N ASP A 254 -2.89 35.63 3.92
CA ASP A 254 -3.41 36.72 4.76
C ASP A 254 -4.77 36.38 5.36
N ALA A 255 -4.93 35.16 5.87
CA ALA A 255 -6.10 34.88 6.71
C ALA A 255 -5.90 35.51 8.10
N GLY A 256 -7.00 35.60 8.85
CA GLY A 256 -7.00 36.45 10.04
C GLY A 256 -6.44 35.82 11.29
N THR A 257 -6.48 34.50 11.39
CA THR A 257 -5.97 33.79 12.56
C THR A 257 -5.29 32.50 12.11
N ALA A 258 -4.59 31.89 13.07
CA ALA A 258 -3.87 30.64 12.82
C ALA A 258 -4.82 29.52 12.45
N GLU A 259 -6.03 29.51 13.01
CA GLU A 259 -6.96 28.48 12.58
C GLU A 259 -7.78 28.86 11.34
N LYS A 260 -8.04 30.16 11.10
CA LYS A 260 -8.83 30.54 9.92
C LYS A 260 -8.18 30.15 8.60
N ARG A 261 -6.84 30.14 8.53
CA ARG A 261 -6.18 29.72 7.30
C ARG A 261 -6.49 28.26 6.99
N PHE A 262 -6.76 27.46 8.01
CA PHE A 262 -7.14 26.07 7.79
C PHE A 262 -8.63 25.94 7.50
N LYS A 263 -9.46 26.75 8.16
CA LYS A 263 -10.88 26.79 7.80
C LYS A 263 -11.04 27.16 6.33
N ASP A 264 -10.28 28.16 5.86
CA ASP A 264 -10.30 28.53 4.44
C ASP A 264 -9.86 27.36 3.59
N THR A 265 -8.84 26.64 4.04
CA THR A 265 -8.30 25.52 3.28
C THR A 265 -9.31 24.38 3.22
N GLU A 266 -10.07 24.17 4.30
CA GLU A 266 -11.14 23.18 4.25
C GLU A 266 -12.18 23.55 3.19
N LYS A 267 -12.50 24.84 3.07
CA LYS A 267 -13.44 25.26 2.04
C LYS A 267 -12.87 25.05 0.64
N LEU A 268 -11.58 25.35 0.45
CA LEU A 268 -10.98 25.22 -0.87
C LEU A 268 -10.85 23.77 -1.30
N MET A 269 -10.56 22.89 -0.34
CA MET A 269 -10.41 21.48 -0.65
C MET A 269 -11.76 20.83 -0.97
N GLU A 270 -12.87 21.29 -0.38
CA GLU A 270 -14.15 20.73 -0.82
C GLU A 270 -14.47 21.18 -2.23
N VAL A 271 -14.13 22.42 -2.58
CA VAL A 271 -14.29 22.89 -3.95
C VAL A 271 -13.38 22.11 -4.88
N GLY A 272 -12.17 21.80 -4.41
CA GLY A 272 -11.20 21.14 -5.25
C GLY A 272 -11.63 19.76 -5.69
N PHE A 273 -12.38 19.06 -4.83
CA PHE A 273 -12.78 17.69 -5.13
C PHE A 273 -14.27 17.57 -5.44
N LYS A 274 -14.92 18.69 -5.77
CA LYS A 274 -16.32 18.64 -6.18
C LYS A 274 -16.49 17.75 -7.40
N GLN B 28 32.18 1.33 -2.30
CA GLN B 28 32.85 2.16 -1.30
C GLN B 28 32.29 3.59 -1.14
N PRO B 29 31.96 4.28 -2.24
CA PRO B 29 31.41 5.63 -2.10
C PRO B 29 30.10 5.64 -1.31
N ASN B 30 29.63 6.86 -1.01
CA ASN B 30 28.42 7.09 -0.23
C ASN B 30 27.48 7.96 -1.06
N LEU B 31 26.78 7.33 -1.99
CA LEU B 31 25.84 8.09 -2.79
C LEU B 31 24.51 8.17 -2.07
N TYR B 32 23.74 9.20 -2.42
CA TYR B 32 22.40 9.42 -1.93
C TYR B 32 21.48 9.29 -3.14
N LEU B 33 21.22 8.06 -3.54
CA LEU B 33 20.50 7.79 -4.76
C LEU B 33 18.99 7.85 -4.54
N SER B 34 18.26 8.21 -5.60
CA SER B 34 16.81 8.05 -5.57
C SER B 34 16.45 6.57 -5.61
N ALA B 35 17.21 5.79 -6.35
CA ALA B 35 16.87 4.41 -6.62
C ALA B 35 16.87 3.59 -5.36
N ASN B 36 15.94 2.63 -5.29
CA ASN B 36 15.96 1.67 -4.19
C ASN B 36 17.07 0.63 -4.36
N ALA B 37 17.37 0.24 -5.61
CA ALA B 37 18.49 -0.64 -5.88
C ALA B 37 19.31 -0.09 -7.04
N ALA B 38 20.63 -0.14 -6.90
CA ALA B 38 21.49 0.41 -7.94
C ALA B 38 22.89 -0.15 -7.80
N ALA B 39 23.65 -0.07 -8.89
CA ALA B 39 24.99 -0.62 -8.93
C ALA B 39 25.71 -0.13 -10.19
N VAL B 40 27.03 -0.14 -10.13
CA VAL B 40 27.85 0.15 -11.30
C VAL B 40 29.01 -0.84 -11.33
N TYR B 41 29.27 -1.41 -12.50
CA TYR B 41 30.21 -2.51 -12.64
C TYR B 41 31.22 -2.20 -13.73
N SER B 42 32.45 -2.67 -13.53
CA SER B 42 33.46 -2.62 -14.57
C SER B 42 33.31 -3.85 -15.45
N VAL B 43 33.32 -3.64 -16.76
CA VAL B 43 33.14 -4.76 -17.70
C VAL B 43 34.41 -5.60 -17.76
N GLU B 44 35.58 -4.98 -17.62
CA GLU B 44 36.83 -5.70 -17.82
C GLU B 44 36.97 -6.89 -16.87
N ASN B 45 36.51 -6.73 -15.63
CA ASN B 45 36.57 -7.83 -14.67
C ASN B 45 35.22 -8.18 -14.04
N GLY B 46 34.15 -7.46 -14.40
CA GLY B 46 32.85 -7.76 -13.84
C GLY B 46 32.66 -7.38 -12.39
N GLU B 47 33.59 -6.61 -11.81
CA GLU B 47 33.49 -6.40 -10.38
C GLU B 47 32.74 -5.11 -10.05
N ALA B 48 32.11 -5.13 -8.87
CA ALA B 48 31.23 -4.06 -8.45
C ALA B 48 32.05 -2.85 -8.03
N LEU B 49 31.70 -1.68 -8.56
CA LEU B 49 32.31 -0.45 -8.06
C LEU B 49 31.40 0.29 -7.09
N TYR B 50 30.10 0.07 -7.17
CA TYR B 50 29.16 0.53 -6.16
C TYR B 50 27.99 -0.44 -6.20
N GLU B 51 27.42 -0.77 -5.04
CA GLU B 51 26.31 -1.71 -5.01
C GLU B 51 25.39 -1.35 -3.85
N GLN B 52 24.09 -1.30 -4.13
CA GLN B 52 23.09 -1.03 -3.11
C GLN B 52 21.89 -1.92 -3.39
N ASN B 53 21.56 -2.81 -2.45
CA ASN B 53 20.49 -3.78 -2.65
C ASN B 53 20.71 -4.60 -3.93
N ALA B 54 21.96 -5.01 -4.14
CA ALA B 54 22.34 -5.63 -5.41
C ALA B 54 21.79 -7.05 -5.56
N ASP B 55 21.39 -7.70 -4.48
CA ASP B 55 20.78 -9.02 -4.55
C ASP B 55 19.28 -8.98 -4.33
N LYS B 56 18.69 -7.79 -4.27
CA LYS B 56 17.27 -7.65 -3.98
C LYS B 56 16.47 -7.91 -5.25
N VAL B 57 15.45 -8.77 -5.13
CA VAL B 57 14.55 -9.04 -6.24
C VAL B 57 13.69 -7.81 -6.48
N MET B 58 13.76 -7.27 -7.71
CA MET B 58 13.12 -6.02 -8.09
C MET B 58 12.40 -6.18 -9.41
N PRO B 59 11.22 -5.57 -9.57
CA PRO B 59 10.59 -5.49 -10.89
C PRO B 59 11.46 -4.69 -11.84
N ILE B 60 11.44 -5.07 -13.12
CA ILE B 60 12.39 -4.51 -14.07
C ILE B 60 11.68 -3.97 -15.30
N ALA B 61 10.40 -4.31 -15.47
CA ALA B 61 9.58 -3.85 -16.60
C ALA B 61 10.31 -3.83 -17.95
N SER B 62 10.29 -2.69 -18.63
CA SER B 62 10.81 -2.60 -19.99
C SER B 62 12.29 -2.93 -20.13
N LEU B 63 13.05 -3.03 -19.04
CA LEU B 63 14.40 -3.57 -19.17
C LEU B 63 14.39 -4.97 -19.75
N SER B 64 13.26 -5.68 -19.64
CA SER B 64 13.11 -6.98 -20.28
C SER B 64 13.37 -6.92 -21.78
N LYS B 65 13.13 -5.76 -22.41
CA LYS B 65 13.37 -5.65 -23.85
C LYS B 65 14.82 -5.92 -24.23
N LEU B 66 15.73 -5.82 -23.28
CA LEU B 66 17.12 -6.17 -23.59
C LEU B 66 17.26 -7.66 -23.87
N MET B 67 16.49 -8.50 -23.17
CA MET B 67 16.49 -9.93 -23.48
C MET B 67 15.87 -10.18 -24.85
N THR B 68 14.77 -9.48 -25.16
CA THR B 68 14.15 -9.65 -26.47
C THR B 68 15.12 -9.27 -27.57
N ALA B 69 15.83 -8.14 -27.40
CA ALA B 69 16.82 -7.73 -28.38
C ALA B 69 17.90 -8.79 -28.53
N PHE B 70 18.40 -9.32 -27.41
CA PHE B 70 19.40 -10.38 -27.46
C PHE B 70 18.92 -11.52 -28.36
N LEU B 71 17.67 -11.92 -28.20
CA LEU B 71 17.15 -13.07 -28.93
C LEU B 71 16.87 -12.74 -30.38
N VAL B 72 16.46 -11.51 -30.67
CA VAL B 72 16.42 -11.07 -32.08
C VAL B 72 17.80 -11.21 -32.72
N LEU B 73 18.83 -10.67 -32.07
CA LEU B 73 20.15 -10.69 -32.67
C LEU B 73 20.68 -12.12 -32.82
N GLU B 74 20.47 -12.95 -31.80
CA GLU B 74 20.84 -14.37 -31.91
C GLU B 74 20.16 -15.01 -33.10
N ALA B 75 18.89 -14.70 -33.32
CA ALA B 75 18.14 -15.35 -34.40
C ALA B 75 18.63 -14.91 -35.77
N VAL B 76 19.03 -13.64 -35.90
CA VAL B 76 19.57 -13.19 -37.17
C VAL B 76 20.91 -13.87 -37.46
N ASP B 77 21.76 -13.96 -36.43
CA ASP B 77 23.05 -14.64 -36.58
C ASP B 77 22.90 -16.13 -36.90
N ASN B 78 21.80 -16.75 -36.46
CA ASN B 78 21.58 -18.17 -36.67
C ASN B 78 20.80 -18.47 -37.95
N ASN B 79 20.62 -17.47 -38.80
CA ASN B 79 19.90 -17.63 -40.08
C ASN B 79 18.45 -18.06 -39.87
N GLU B 80 17.82 -17.56 -38.81
CA GLU B 80 16.45 -17.91 -38.50
C GLU B 80 15.50 -16.72 -38.60
N LEU B 81 16.01 -15.54 -38.94
CA LEU B 81 15.25 -14.30 -38.92
C LEU B 81 15.92 -13.32 -39.86
N SER B 82 15.11 -12.65 -40.69
CA SER B 82 15.61 -11.67 -41.65
C SER B 82 15.33 -10.27 -41.14
N TRP B 83 16.30 -9.36 -41.29
CA TRP B 83 16.08 -7.99 -40.83
C TRP B 83 14.97 -7.32 -41.61
N ASP B 84 14.75 -7.74 -42.86
CA ASP B 84 13.80 -7.07 -43.74
C ASP B 84 12.44 -7.76 -43.81
N GLU B 85 12.22 -8.84 -43.07
CA GLU B 85 10.90 -9.44 -43.05
C GLU B 85 9.90 -8.47 -42.42
N LYS B 86 8.72 -8.39 -43.01
CA LYS B 86 7.68 -7.48 -42.51
C LYS B 86 6.82 -8.23 -41.51
N LEU B 87 6.54 -7.58 -40.38
CA LEU B 87 5.63 -8.12 -39.37
C LEU B 87 4.52 -7.11 -39.12
N ASP B 88 3.36 -7.60 -38.67
CA ASP B 88 2.25 -6.74 -38.32
C ASP B 88 2.17 -6.59 -36.81
N LEU B 89 2.06 -5.34 -36.35
CA LEU B 89 2.07 -5.06 -34.92
C LEU B 89 0.84 -5.67 -34.25
N VAL B 90 1.08 -6.44 -33.19
CA VAL B 90 0.00 -6.97 -32.38
C VAL B 90 -0.66 -5.83 -31.60
N ARG B 91 -1.88 -6.09 -31.13
CA ARG B 91 -2.62 -5.10 -30.36
C ARG B 91 -2.37 -5.29 -28.86
N LEU B 92 -2.09 -4.20 -28.16
CA LEU B 92 -1.89 -4.25 -26.72
C LEU B 92 -3.24 -4.29 -26.01
N ASP B 93 -3.31 -5.04 -24.91
CA ASP B 93 -4.48 -4.97 -24.05
C ASP B 93 -4.67 -3.57 -23.49
N ASP B 94 -3.58 -2.86 -23.23
CA ASP B 94 -3.63 -1.54 -22.62
C ASP B 94 -3.53 -0.49 -23.71
N PRO B 95 -4.59 0.29 -23.95
CA PRO B 95 -4.53 1.36 -24.96
C PRO B 95 -3.76 2.60 -24.51
N SER B 96 -3.16 2.58 -23.32
CA SER B 96 -2.34 3.70 -22.85
C SER B 96 -0.84 3.42 -22.87
N ALA B 97 -0.43 2.16 -22.79
CA ALA B 97 0.99 1.85 -22.83
C ALA B 97 1.58 2.31 -24.16
N VAL B 98 2.84 2.75 -24.11
CA VAL B 98 3.49 3.34 -25.27
C VAL B 98 3.55 2.33 -26.40
N SER B 99 3.23 2.78 -27.61
CA SER B 99 3.19 1.87 -28.73
C SER B 99 3.64 2.60 -29.99
N LEU B 100 4.26 1.85 -30.89
CA LEU B 100 4.66 2.40 -32.18
C LEU B 100 3.45 2.78 -33.02
N TYR B 101 2.38 1.99 -32.94
CA TYR B 101 1.21 2.25 -33.78
C TYR B 101 0.54 3.56 -33.40
N ALA B 102 0.46 3.84 -32.09
CA ALA B 102 -0.23 5.03 -31.61
C ALA B 102 0.33 6.31 -32.23
N ILE B 103 1.61 6.34 -32.54
CA ILE B 103 2.25 7.55 -33.04
C ILE B 103 2.56 7.47 -34.53
N THR B 104 2.18 6.38 -35.21
CA THR B 104 2.43 6.30 -36.65
C THR B 104 1.17 5.99 -37.43
N GLN B 105 0.24 5.27 -36.80
CA GLN B 105 -0.92 4.67 -37.48
C GLN B 105 -0.49 3.76 -38.62
N LYS B 106 0.67 3.12 -38.48
CA LYS B 106 1.17 2.16 -39.45
C LYS B 106 1.31 0.81 -38.75
N ARG B 107 0.72 -0.23 -39.35
CA ARG B 107 0.70 -1.55 -38.73
C ARG B 107 1.89 -2.43 -39.13
N THR B 108 2.46 -2.24 -40.31
CA THR B 108 3.41 -3.20 -40.85
C THR B 108 4.80 -2.59 -40.91
N TRP B 109 5.76 -3.27 -40.29
CA TRP B 109 7.12 -2.79 -40.16
C TRP B 109 8.07 -3.95 -40.36
N SER B 110 9.27 -3.63 -40.84
CA SER B 110 10.33 -4.64 -40.90
C SER B 110 10.82 -5.02 -39.51
N VAL B 111 11.39 -6.23 -39.41
CA VAL B 111 12.03 -6.65 -38.15
C VAL B 111 13.05 -5.60 -37.68
N ARG B 112 13.81 -5.04 -38.63
CA ARG B 112 14.81 -4.03 -38.26
C ARG B 112 14.16 -2.85 -37.57
N ASP B 113 13.07 -2.33 -38.13
CA ASP B 113 12.42 -1.16 -37.57
C ASP B 113 11.74 -1.47 -36.24
N LEU B 114 11.15 -2.66 -36.09
CA LEU B 114 10.55 -3.03 -34.81
C LEU B 114 11.62 -3.09 -33.72
N TYR B 115 12.75 -3.68 -34.06
CA TYR B 115 13.90 -3.74 -33.15
C TYR B 115 14.38 -2.34 -32.79
N SER B 116 14.48 -1.44 -33.77
CA SER B 116 14.85 -0.06 -33.42
C SER B 116 13.80 0.57 -32.52
N ALA B 117 12.52 0.36 -32.82
CA ALA B 117 11.48 1.03 -32.03
C ALA B 117 11.44 0.48 -30.62
N MET B 118 11.69 -0.82 -30.47
CA MET B 118 11.67 -1.44 -29.15
C MET B 118 12.81 -0.91 -28.27
N LEU B 119 14.00 -0.70 -28.85
CA LEU B 119 15.13 -0.27 -28.03
C LEU B 119 15.13 1.23 -27.76
N THR B 120 14.67 2.03 -28.73
CA THR B 120 14.81 3.48 -28.66
C THR B 120 13.65 4.16 -27.94
N MET B 121 12.43 3.95 -28.42
CA MET B 121 11.28 4.59 -27.79
C MET B 121 10.57 3.65 -26.83
N SER B 122 11.05 2.43 -26.70
CA SER B 122 10.46 1.41 -25.81
C SER B 122 9.05 1.05 -26.26
N ALA B 123 8.88 0.88 -27.56
CA ALA B 123 7.58 0.54 -28.13
C ALA B 123 7.18 -0.85 -27.65
N ASN B 124 6.13 -0.92 -26.83
CA ASN B 124 5.71 -2.20 -26.28
C ASN B 124 5.16 -3.13 -27.36
N ASP B 125 4.41 -2.58 -28.32
CA ASP B 125 3.81 -3.44 -29.34
C ASP B 125 4.88 -4.01 -30.25
N ALA B 126 5.92 -3.23 -30.56
CA ALA B 126 7.01 -3.75 -31.38
C ALA B 126 7.69 -4.93 -30.67
N ALA B 127 7.90 -4.81 -29.36
CA ALA B 127 8.55 -5.90 -28.61
C ALA B 127 7.71 -7.16 -28.65
N GLU B 128 6.41 -7.04 -28.38
CA GLU B 128 5.55 -8.22 -28.38
C GLU B 128 5.43 -8.83 -29.77
N THR B 129 5.58 -7.99 -30.79
CA THR B 129 5.49 -8.50 -32.16
C THR B 129 6.73 -9.31 -32.53
N LEU B 130 7.90 -8.84 -32.07
CA LEU B 130 9.13 -9.62 -32.26
C LEU B 130 9.10 -10.92 -31.48
N GLY B 131 8.66 -10.88 -30.24
CA GLY B 131 8.56 -12.10 -29.46
C GLY B 131 7.63 -13.11 -30.10
N ASP B 132 6.49 -12.64 -30.63
CA ASP B 132 5.56 -13.56 -31.28
C ASP B 132 6.18 -14.16 -32.53
N ARG B 133 7.02 -13.41 -33.25
CA ARG B 133 7.68 -13.97 -34.41
C ARG B 133 8.75 -14.98 -34.00
N LEU B 134 9.45 -14.70 -32.91
CA LEU B 134 10.48 -15.61 -32.44
C LEU B 134 9.88 -16.90 -31.90
N ASP B 135 8.78 -16.79 -31.15
CA ASP B 135 8.10 -17.97 -30.62
C ASP B 135 6.62 -17.63 -30.44
N GLY B 136 5.77 -18.14 -31.31
CA GLY B 136 4.35 -17.83 -31.22
C GLY B 136 3.62 -18.50 -30.07
N ALA B 137 4.25 -19.47 -29.40
CA ALA B 137 3.59 -20.25 -28.36
C ALA B 137 3.94 -19.78 -26.95
N ASP B 138 5.22 -19.54 -26.68
CA ASP B 138 5.67 -19.23 -25.33
C ASP B 138 7.02 -18.52 -25.39
N PHE B 139 7.04 -17.28 -25.87
CA PHE B 139 8.28 -16.52 -25.86
C PHE B 139 8.87 -16.35 -24.47
N PRO B 140 8.09 -16.10 -23.40
CA PRO B 140 8.73 -15.99 -22.07
C PRO B 140 9.55 -17.21 -21.66
N LYS B 141 9.13 -18.43 -22.01
CA LYS B 141 9.99 -19.58 -21.76
C LYS B 141 11.32 -19.46 -22.50
N GLU B 142 11.30 -18.94 -23.74
CA GLU B 142 12.55 -18.70 -24.45
C GLU B 142 13.41 -17.67 -23.73
N MET B 143 12.78 -16.61 -23.25
CA MET B 143 13.50 -15.58 -22.51
C MET B 143 14.12 -16.17 -21.25
N ASN B 144 13.36 -17.00 -20.54
CA ASN B 144 13.88 -17.55 -19.31
C ASN B 144 14.89 -18.65 -19.55
N ASN B 145 14.75 -19.38 -20.66
CA ASN B 145 15.79 -20.33 -21.04
C ASN B 145 17.10 -19.61 -21.32
N GLN B 146 17.02 -18.46 -21.99
CA GLN B 146 18.22 -17.68 -22.29
C GLN B 146 18.83 -17.11 -21.02
N ALA B 147 17.98 -16.63 -20.10
CA ALA B 147 18.44 -16.24 -18.78
C ALA B 147 19.35 -17.30 -18.16
N LYS B 148 18.92 -18.56 -18.18
CA LYS B 148 19.74 -19.66 -17.67
C LYS B 148 21.05 -19.78 -18.43
N LYS B 149 20.99 -19.78 -19.77
CA LYS B 149 22.19 -20.04 -20.56
C LYS B 149 23.26 -18.97 -20.32
N LEU B 150 22.85 -17.75 -19.98
CA LEU B 150 23.80 -16.66 -19.79
C LEU B 150 24.17 -16.46 -18.33
N GLY B 151 23.82 -17.38 -17.45
CA GLY B 151 24.30 -17.35 -16.08
C GLY B 151 23.52 -16.46 -15.14
N MET B 152 22.36 -15.94 -15.56
CA MET B 152 21.51 -15.21 -14.64
C MET B 152 20.98 -16.15 -13.56
N SER B 153 20.97 -15.66 -12.32
CA SER B 153 20.51 -16.45 -11.17
C SER B 153 19.02 -16.72 -11.26
N SER B 154 18.55 -17.56 -10.34
CA SER B 154 17.13 -17.94 -10.32
C SER B 154 16.23 -16.81 -9.82
N LYS B 155 16.78 -15.68 -9.37
CA LYS B 155 15.92 -14.56 -9.01
C LYS B 155 15.38 -13.82 -10.22
N THR B 156 15.89 -14.12 -11.41
CA THR B 156 15.43 -13.49 -12.64
C THR B 156 14.27 -14.29 -13.22
N THR B 157 13.18 -13.60 -13.52
CA THR B 157 12.03 -14.23 -14.18
C THR B 157 11.42 -13.23 -15.16
N PHE B 158 11.42 -13.58 -16.43
CA PHE B 158 10.78 -12.77 -17.46
C PHE B 158 9.36 -13.26 -17.66
N VAL B 159 8.47 -12.32 -18.04
CA VAL B 159 7.06 -12.64 -18.26
C VAL B 159 6.57 -12.24 -19.64
N SER B 160 7.31 -11.42 -20.38
CA SER B 160 6.79 -10.86 -21.62
C SER B 160 7.95 -10.27 -22.41
N ALA B 161 7.74 -10.16 -23.72
CA ALA B 161 8.74 -9.56 -24.60
C ALA B 161 8.98 -8.11 -24.24
N SER B 162 7.91 -7.38 -23.88
CA SER B 162 7.98 -5.94 -23.57
C SER B 162 8.38 -5.65 -22.13
N GLY B 163 8.14 -6.57 -21.21
CA GLY B 163 8.26 -6.27 -19.80
C GLY B 163 6.98 -5.82 -19.12
N LEU B 164 5.89 -5.67 -19.86
CA LEU B 164 4.60 -5.44 -19.23
C LEU B 164 4.16 -6.69 -18.49
N ASP B 165 3.49 -6.49 -17.34
CA ASP B 165 2.94 -7.60 -16.56
C ASP B 165 2.08 -8.49 -17.44
N VAL B 166 2.04 -9.78 -17.12
CA VAL B 166 1.16 -10.73 -17.78
C VAL B 166 0.42 -11.51 -16.70
N ASP B 167 -0.91 -11.50 -16.74
CA ASP B 167 -1.73 -12.26 -15.80
C ASP B 167 -1.46 -11.84 -14.35
N GLY B 168 -1.07 -10.59 -14.13
CA GLY B 168 -0.80 -10.09 -12.80
C GLY B 168 0.61 -10.30 -12.30
N LYS B 169 1.47 -10.93 -13.10
CA LYS B 169 2.84 -11.23 -12.71
C LYS B 169 3.81 -10.31 -13.43
N SER B 170 4.84 -9.87 -12.71
CA SER B 170 5.79 -8.90 -13.23
C SER B 170 7.17 -9.52 -13.46
N ALA B 171 7.88 -8.97 -14.44
CA ALA B 171 9.25 -9.36 -14.69
C ALA B 171 10.10 -8.86 -13.55
N VAL B 172 11.03 -9.70 -13.08
CA VAL B 172 11.90 -9.36 -11.96
C VAL B 172 13.32 -9.83 -12.24
N SER B 173 14.26 -9.18 -11.57
CA SER B 173 15.67 -9.56 -11.63
C SER B 173 16.38 -8.83 -10.50
N THR B 174 17.71 -8.85 -10.54
CA THR B 174 18.57 -8.16 -9.57
C THR B 174 19.56 -7.34 -10.36
N THR B 175 20.22 -6.38 -9.71
CA THR B 175 21.22 -5.60 -10.44
C THR B 175 22.35 -6.51 -10.94
N LYS B 176 22.71 -7.52 -10.14
CA LYS B 176 23.77 -8.44 -10.56
C LYS B 176 23.37 -9.20 -11.82
N ASP B 177 22.15 -9.71 -11.88
CA ASP B 177 21.72 -10.48 -13.05
C ASP B 177 21.61 -9.57 -14.26
N LEU B 178 21.10 -8.36 -14.05
CA LEU B 178 20.99 -7.39 -15.13
C LEU B 178 22.35 -6.98 -15.67
N PHE B 179 23.37 -6.92 -14.81
CA PHE B 179 24.69 -6.65 -15.35
C PHE B 179 25.16 -7.80 -16.24
N LEU B 180 24.89 -9.03 -15.81
CA LEU B 180 25.33 -10.18 -16.59
C LEU B 180 24.67 -10.18 -17.95
N LEU B 181 23.38 -9.90 -17.98
CA LEU B 181 22.64 -9.81 -19.23
C LEU B 181 23.18 -8.69 -20.09
N SER B 182 23.37 -7.52 -19.53
CA SER B 182 23.80 -6.37 -20.33
C SER B 182 25.21 -6.58 -20.87
N SER B 183 26.14 -7.02 -20.02
CA SER B 183 27.51 -7.27 -20.48
C SER B 183 27.55 -8.33 -21.58
N LYS B 184 26.69 -9.36 -21.47
CA LYS B 184 26.73 -10.45 -22.44
C LYS B 184 26.12 -10.01 -23.76
N LEU B 185 25.08 -9.18 -23.69
CA LEU B 185 24.51 -8.61 -24.90
C LEU B 185 25.53 -7.76 -25.63
N ILE B 186 26.20 -6.85 -24.90
CA ILE B 186 27.15 -5.93 -25.53
C ILE B 186 28.35 -6.68 -26.09
N SER B 187 28.83 -7.70 -25.36
CA SER B 187 30.00 -8.43 -25.83
C SER B 187 29.68 -9.36 -26.99
N THR B 188 28.47 -9.95 -27.00
CA THR B 188 28.09 -10.84 -28.10
C THR B 188 27.56 -10.09 -29.32
N HIS B 189 26.88 -8.97 -29.11
CA HIS B 189 26.32 -8.15 -30.19
C HIS B 189 26.69 -6.70 -29.98
N PRO B 190 27.96 -6.35 -30.17
CA PRO B 190 28.37 -4.95 -29.98
C PRO B 190 27.56 -3.99 -30.82
N GLU B 191 27.04 -4.44 -31.97
CA GLU B 191 26.25 -3.54 -32.81
C GLU B 191 24.97 -3.07 -32.12
N VAL B 192 24.60 -3.66 -30.98
CA VAL B 192 23.42 -3.15 -30.28
C VAL B 192 23.60 -1.68 -29.95
N LEU B 193 24.84 -1.27 -29.66
CA LEU B 193 25.12 0.10 -29.26
C LEU B 193 25.00 1.08 -30.42
N GLU B 194 25.07 0.60 -31.67
CA GLU B 194 24.84 1.50 -32.80
C GLU B 194 23.39 1.99 -32.82
N THR B 195 22.48 1.22 -32.25
CA THR B 195 21.11 1.71 -32.11
C THR B 195 20.89 2.45 -30.80
N THR B 196 21.40 1.96 -29.66
CA THR B 196 21.09 2.59 -28.37
C THR B 196 21.88 3.88 -28.10
N SER B 197 22.84 4.22 -28.96
CA SER B 197 23.64 5.42 -28.75
C SER B 197 23.10 6.65 -29.47
N LYS B 198 21.92 6.56 -30.11
CA LYS B 198 21.45 7.65 -30.96
C LYS B 198 20.22 8.32 -30.37
N PRO B 199 20.23 9.65 -30.22
CA PRO B 199 19.03 10.32 -29.68
C PRO B 199 17.83 10.22 -30.60
N THR B 200 18.08 10.07 -31.89
CA THR B 200 17.02 9.84 -32.87
C THR B 200 17.49 8.71 -33.76
N VAL B 201 16.62 7.76 -34.03
CA VAL B 201 16.86 6.70 -34.98
C VAL B 201 15.82 6.83 -36.08
N THR B 202 16.27 6.86 -37.33
CA THR B 202 15.37 6.91 -38.48
C THR B 202 15.14 5.49 -38.98
N THR B 203 13.89 5.07 -38.99
CA THR B 203 13.57 3.72 -39.44
C THR B 203 13.85 3.59 -40.94
N ASP B 204 13.89 2.36 -41.42
CA ASP B 204 14.00 2.15 -42.86
C ASP B 204 12.87 2.86 -43.59
N LYS B 205 11.71 3.00 -42.95
CA LYS B 205 10.51 3.58 -43.55
C LYS B 205 10.45 5.10 -43.40
N GLY B 206 11.44 5.72 -42.76
CA GLY B 206 11.51 7.17 -42.68
C GLY B 206 11.03 7.77 -41.37
N ALA B 207 10.27 7.03 -40.57
CA ALA B 207 9.78 7.57 -39.31
C ALA B 207 10.92 7.76 -38.32
N LYS B 208 10.90 8.89 -37.62
CA LYS B 208 11.93 9.20 -36.63
C LYS B 208 11.48 8.76 -35.25
N LEU B 209 12.34 8.02 -34.56
CA LEU B 209 12.09 7.55 -33.21
C LEU B 209 13.03 8.26 -32.24
N GLU B 210 12.48 8.87 -31.20
CA GLU B 210 13.28 9.56 -30.20
C GLU B 210 13.63 8.62 -29.06
N SER B 211 14.90 8.63 -28.65
CA SER B 211 15.33 7.77 -27.54
C SER B 211 14.75 8.26 -26.22
N THR B 212 14.48 7.32 -25.33
CA THR B 212 14.12 7.64 -23.95
C THR B 212 15.33 7.95 -23.09
N ASN B 213 16.53 7.69 -23.59
CA ASN B 213 17.78 7.90 -22.85
C ASN B 213 18.14 9.39 -22.93
N ASP B 214 17.68 10.16 -21.95
CA ASP B 214 17.90 11.61 -21.99
C ASP B 214 19.35 12.00 -21.72
N LEU B 215 20.20 11.07 -21.30
CA LEU B 215 21.60 11.39 -21.03
C LEU B 215 22.48 11.35 -22.28
N LEU B 216 21.98 10.83 -23.40
CA LEU B 216 22.78 10.76 -24.62
C LEU B 216 23.25 12.14 -25.03
N GLY B 217 24.56 12.29 -25.22
CA GLY B 217 25.16 13.59 -25.52
C GLY B 217 25.59 14.37 -24.31
N SER B 218 25.27 13.91 -23.10
CA SER B 218 25.59 14.59 -21.85
C SER B 218 26.69 13.91 -21.04
N ILE B 219 26.95 12.63 -21.28
CA ILE B 219 28.03 11.92 -20.59
C ILE B 219 28.99 11.41 -21.66
N GLN B 220 30.26 11.80 -21.53
CA GLN B 220 31.26 11.35 -22.48
C GLN B 220 31.34 9.82 -22.49
N GLY B 221 31.26 9.24 -23.69
CA GLY B 221 31.33 7.80 -23.85
C GLY B 221 30.04 7.05 -23.61
N LEU B 222 28.98 7.70 -23.16
CA LEU B 222 27.74 6.97 -22.87
C LEU B 222 27.09 6.51 -24.18
N ASP B 223 26.75 5.23 -24.29
CA ASP B 223 26.19 4.76 -25.55
C ASP B 223 25.06 3.76 -25.37
N GLY B 224 24.41 3.76 -24.22
CA GLY B 224 23.31 2.85 -23.92
C GLY B 224 22.87 3.08 -22.48
N LEU B 225 21.88 2.29 -22.03
CA LEU B 225 21.39 1.12 -22.77
C LEU B 225 19.83 1.08 -22.89
N LYS B 226 19.11 1.28 -21.79
CA LYS B 226 17.66 1.05 -21.81
C LYS B 226 16.94 1.54 -20.55
N THR B 227 15.83 2.26 -20.74
CA THR B 227 14.97 2.74 -19.66
C THR B 227 13.82 1.75 -19.38
N GLY B 228 13.16 1.98 -18.25
CA GLY B 228 11.95 1.23 -17.91
C GLY B 228 11.15 2.03 -16.91
N PHE B 229 9.83 1.81 -16.91
CA PHE B 229 9.01 2.39 -15.86
C PHE B 229 7.68 1.67 -15.79
N THR B 230 7.30 1.23 -14.59
CA THR B 230 5.92 0.99 -14.22
C THR B 230 5.72 1.56 -12.82
N ASP B 231 4.46 1.60 -12.38
CA ASP B 231 4.23 2.03 -11.00
C ASP B 231 4.98 1.12 -10.03
N GLU B 232 4.96 -0.18 -10.29
CA GLU B 232 5.62 -1.13 -9.40
C GLU B 232 7.14 -1.05 -9.53
N ALA B 233 7.64 -0.90 -10.75
CA ALA B 233 9.08 -0.88 -10.93
C ALA B 233 9.70 0.50 -10.66
N GLY B 234 8.89 1.54 -10.56
CA GLY B 234 9.49 2.86 -10.54
C GLY B 234 10.26 3.11 -11.84
N TYR B 235 11.04 4.18 -11.81
CA TYR B 235 11.81 4.63 -12.97
C TYR B 235 13.18 3.94 -12.99
N CYS B 236 13.48 3.25 -14.08
CA CYS B 236 14.64 2.39 -14.15
C CYS B 236 15.49 2.73 -15.36
N PHE B 237 16.79 2.47 -15.25
CA PHE B 237 17.67 2.70 -16.39
C PHE B 237 18.94 1.87 -16.24
N ILE B 238 19.33 1.20 -17.31
CA ILE B 238 20.65 0.57 -17.41
C ILE B 238 21.49 1.44 -18.33
N GLY B 239 22.58 1.99 -17.80
CA GLY B 239 23.44 2.80 -18.64
C GLY B 239 24.72 2.08 -18.99
N THR B 240 25.42 2.53 -20.03
CA THR B 240 26.75 2.02 -20.30
C THR B 240 27.55 3.08 -21.02
N ALA B 241 28.85 3.09 -20.75
CA ALA B 241 29.76 4.08 -21.30
C ALA B 241 31.14 3.46 -21.44
N GLU B 242 31.91 3.93 -22.42
CA GLU B 242 33.29 3.52 -22.57
C GLU B 242 34.18 4.74 -22.74
N ARG B 243 35.32 4.75 -22.03
CA ARG B 243 36.36 5.75 -22.18
C ARG B 243 37.70 5.04 -22.19
N GLY B 244 38.45 5.21 -23.27
CA GLY B 244 39.79 4.65 -23.39
C GLY B 244 39.91 3.16 -23.10
N GLY B 245 39.00 2.36 -23.64
CA GLY B 245 39.04 0.92 -23.47
C GLY B 245 38.47 0.41 -22.17
N LYS B 246 37.92 1.27 -21.33
CA LYS B 246 37.26 0.86 -20.09
C LYS B 246 35.77 1.12 -20.26
N ARG B 247 34.97 0.07 -20.07
CA ARG B 247 33.51 0.19 -20.17
C ARG B 247 32.89 -0.20 -18.84
N VAL B 248 31.90 0.59 -18.40
CA VAL B 248 31.14 0.26 -17.20
C VAL B 248 29.67 0.14 -17.55
N ILE B 249 28.95 -0.57 -16.69
CA ILE B 249 27.51 -0.72 -16.78
C ILE B 249 26.92 -0.31 -15.45
N SER B 250 25.96 0.62 -15.49
CA SER B 250 25.24 1.09 -14.33
C SER B 250 23.80 0.56 -14.37
N ILE B 251 23.28 0.17 -13.21
CA ILE B 251 21.89 -0.28 -13.07
C ILE B 251 21.24 0.60 -12.01
N VAL B 252 20.05 1.12 -12.33
CA VAL B 252 19.24 1.95 -11.44
C VAL B 252 17.81 1.40 -11.48
N LEU B 253 17.31 0.94 -10.34
CA LEU B 253 15.96 0.38 -10.24
C LEU B 253 15.15 1.15 -9.22
N ASP B 254 13.93 1.53 -9.59
CA ASP B 254 12.96 2.19 -8.71
C ASP B 254 13.46 3.56 -8.23
N ALA B 255 13.92 4.37 -9.17
CA ALA B 255 14.09 5.80 -8.93
C ALA B 255 12.72 6.48 -8.87
N GLY B 256 12.68 7.67 -8.26
CA GLY B 256 11.41 8.29 -7.96
C GLY B 256 10.78 9.07 -9.11
N THR B 257 11.58 9.51 -10.08
CA THR B 257 11.08 10.26 -11.22
C THR B 257 11.87 9.86 -12.46
N ALA B 258 11.33 10.25 -13.62
CA ALA B 258 11.99 9.99 -14.89
C ALA B 258 13.36 10.66 -14.97
N GLU B 259 13.48 11.86 -14.40
CA GLU B 259 14.78 12.52 -14.37
C GLU B 259 15.70 11.92 -13.30
N LYS B 260 15.15 11.46 -12.17
CA LYS B 260 16.01 10.98 -11.09
C LYS B 260 16.76 9.71 -11.46
N ARG B 261 16.18 8.83 -12.29
CA ARG B 261 16.96 7.68 -12.73
C ARG B 261 18.22 8.14 -13.46
N PHE B 262 18.14 9.27 -14.14
CA PHE B 262 19.31 9.77 -14.87
C PHE B 262 20.28 10.49 -13.95
N LYS B 263 19.77 11.22 -12.95
CA LYS B 263 20.66 11.82 -11.95
C LYS B 263 21.43 10.75 -11.19
N ASP B 264 20.75 9.66 -10.82
CA ASP B 264 21.43 8.51 -10.19
C ASP B 264 22.51 7.94 -11.09
N THR B 265 22.22 7.83 -12.39
CA THR B 265 23.20 7.27 -13.33
C THR B 265 24.44 8.17 -13.44
N GLU B 266 24.23 9.49 -13.45
CA GLU B 266 25.36 10.41 -13.49
C GLU B 266 26.29 10.18 -12.30
N LYS B 267 25.71 9.97 -11.11
CA LYS B 267 26.51 9.69 -9.93
C LYS B 267 27.27 8.36 -10.07
N LEU B 268 26.64 7.36 -10.67
CA LEU B 268 27.27 6.06 -10.77
C LEU B 268 28.34 6.04 -11.86
N MET B 269 28.14 6.79 -12.94
CA MET B 269 29.16 6.89 -13.97
C MET B 269 30.40 7.59 -13.45
N GLU B 270 30.21 8.61 -12.61
CA GLU B 270 31.34 9.29 -12.00
C GLU B 270 32.15 8.32 -11.14
N VAL B 271 31.47 7.51 -10.33
CA VAL B 271 32.17 6.49 -9.56
C VAL B 271 32.86 5.50 -10.48
N GLY B 272 32.18 5.08 -11.54
CA GLY B 272 32.70 4.02 -12.38
C GLY B 272 33.95 4.41 -13.15
N PHE B 273 34.11 5.69 -13.45
CA PHE B 273 35.33 6.15 -14.10
C PHE B 273 36.30 6.75 -13.10
N LYS B 274 36.24 6.24 -11.86
CA LYS B 274 37.16 6.53 -10.77
C LYS B 274 36.89 7.91 -10.19
N GLN C 28 -39.57 8.36 8.74
CA GLN C 28 -39.10 7.82 10.00
C GLN C 28 -40.09 8.11 11.13
N PRO C 29 -40.20 7.18 12.09
CA PRO C 29 -41.08 7.41 13.25
C PRO C 29 -40.58 8.59 14.07
N ASN C 30 -41.40 9.04 15.01
CA ASN C 30 -40.94 10.06 15.95
C ASN C 30 -40.85 9.46 17.34
N LEU C 31 -39.64 9.07 17.71
CA LEU C 31 -39.34 8.79 19.09
C LEU C 31 -39.17 10.11 19.85
N TYR C 32 -39.38 10.04 21.15
CA TYR C 32 -39.18 11.17 22.04
C TYR C 32 -37.94 10.86 22.87
N LEU C 33 -36.78 10.99 22.24
CA LEU C 33 -35.53 10.60 22.87
C LEU C 33 -35.04 11.66 23.84
N SER C 34 -34.29 11.22 24.85
CA SER C 34 -33.56 12.16 25.70
C SER C 34 -32.35 12.72 24.96
N ALA C 35 -31.68 11.89 24.16
CA ALA C 35 -30.48 12.30 23.45
C ALA C 35 -30.72 13.52 22.58
N ASN C 36 -29.69 14.36 22.48
CA ASN C 36 -29.71 15.46 21.52
C ASN C 36 -29.40 15.00 20.10
N ALA C 37 -28.57 13.98 19.95
CA ALA C 37 -28.28 13.40 18.66
C ALA C 37 -28.37 11.89 18.77
N ALA C 38 -28.97 11.25 17.78
CA ALA C 38 -29.24 9.82 17.87
C ALA C 38 -29.60 9.27 16.50
N ALA C 39 -29.38 7.96 16.35
CA ALA C 39 -29.52 7.34 15.04
C ALA C 39 -29.41 5.83 15.19
N VAL C 40 -30.03 5.13 14.25
CA VAL C 40 -29.87 3.69 14.13
C VAL C 40 -29.73 3.37 12.65
N TYR C 41 -28.82 2.45 12.34
CA TYR C 41 -28.46 2.14 10.96
C TYR C 41 -28.47 0.64 10.74
N SER C 42 -28.83 0.25 9.52
CA SER C 42 -28.70 -1.14 9.09
C SER C 42 -27.27 -1.37 8.59
N VAL C 43 -26.63 -2.43 9.07
CA VAL C 43 -25.24 -2.66 8.69
C VAL C 43 -25.14 -3.14 7.25
N GLU C 44 -26.15 -3.85 6.78
CA GLU C 44 -26.04 -4.55 5.50
C GLU C 44 -25.99 -3.57 4.34
N ASN C 45 -26.75 -2.48 4.41
CA ASN C 45 -26.68 -1.43 3.40
C ASN C 45 -26.22 -0.08 3.94
N GLY C 46 -25.99 0.04 5.25
CA GLY C 46 -25.63 1.33 5.81
C GLY C 46 -26.77 2.32 5.88
N GLU C 47 -27.99 1.91 5.58
CA GLU C 47 -29.08 2.87 5.45
C GLU C 47 -29.58 3.31 6.82
N ALA C 48 -29.89 4.60 6.92
CA ALA C 48 -30.45 5.15 8.15
C ALA C 48 -31.90 4.69 8.33
N LEU C 49 -32.22 4.17 9.51
CA LEU C 49 -33.60 3.87 9.88
C LEU C 49 -34.22 4.94 10.77
N TYR C 50 -33.37 5.72 11.46
CA TYR C 50 -33.80 6.86 12.25
C TYR C 50 -32.57 7.74 12.41
N GLU C 51 -32.74 9.05 12.17
CA GLU C 51 -31.64 9.99 12.34
C GLU C 51 -32.17 11.24 13.03
N GLN C 52 -31.43 11.70 14.03
CA GLN C 52 -31.75 12.94 14.73
C GLN C 52 -30.43 13.67 14.91
N ASN C 53 -30.31 14.84 14.27
CA ASN C 53 -29.09 15.63 14.37
C ASN C 53 -27.87 14.79 13.99
N ALA C 54 -28.02 14.01 12.91
CA ALA C 54 -27.00 13.05 12.51
C ALA C 54 -25.74 13.72 11.97
N ASP C 55 -25.84 14.96 11.50
CA ASP C 55 -24.69 15.72 11.03
C ASP C 55 -24.09 16.63 12.10
N LYS C 56 -24.64 16.64 13.31
CA LYS C 56 -24.19 17.60 14.30
C LYS C 56 -22.90 17.11 14.98
N VAL C 57 -21.93 18.01 15.08
CA VAL C 57 -20.67 17.71 15.76
C VAL C 57 -20.93 17.66 17.26
N MET C 58 -20.74 16.47 17.86
CA MET C 58 -20.99 16.22 19.27
C MET C 58 -19.73 15.70 19.98
N PRO C 59 -19.44 16.17 21.20
CA PRO C 59 -18.38 15.53 22.01
C PRO C 59 -18.69 14.05 22.24
N ILE C 60 -17.68 13.19 22.12
CA ILE C 60 -17.92 11.75 22.17
C ILE C 60 -17.26 11.06 23.35
N ALA C 61 -16.28 11.68 24.01
CA ALA C 61 -15.65 11.18 25.24
C ALA C 61 -15.25 9.70 25.05
N SER C 62 -15.62 8.81 25.96
CA SER C 62 -15.15 7.43 25.98
C SER C 62 -15.54 6.61 24.76
N LEU C 63 -16.46 7.08 23.90
CA LEU C 63 -16.64 6.37 22.64
C LEU C 63 -15.34 6.32 21.85
N SER C 64 -14.41 7.24 22.12
CA SER C 64 -13.11 7.21 21.47
C SER C 64 -12.41 5.87 21.66
N LYS C 65 -12.71 5.16 22.75
CA LYS C 65 -12.03 3.90 23.03
C LYS C 65 -12.34 2.83 21.99
N LEU C 66 -13.34 3.04 21.15
CA LEU C 66 -13.59 2.10 20.05
C LEU C 66 -12.52 2.21 18.98
N MET C 67 -12.08 3.44 18.69
CA MET C 67 -10.96 3.59 17.76
C MET C 67 -9.69 2.99 18.36
N THR C 68 -9.46 3.21 19.66
CA THR C 68 -8.31 2.59 20.31
C THR C 68 -8.39 1.08 20.22
N ALA C 69 -9.58 0.51 20.44
CA ALA C 69 -9.73 -0.95 20.30
C ALA C 69 -9.40 -1.39 18.89
N PHE C 70 -9.95 -0.69 17.89
CA PHE C 70 -9.63 -0.99 16.49
C PHE C 70 -8.12 -1.03 16.27
N LEU C 71 -7.40 -0.02 16.79
CA LEU C 71 -5.97 0.05 16.50
C LEU C 71 -5.20 -1.04 17.27
N VAL C 72 -5.67 -1.41 18.45
CA VAL C 72 -5.06 -2.52 19.17
C VAL C 72 -5.22 -3.81 18.37
N LEU C 73 -6.44 -4.08 17.89
CA LEU C 73 -6.66 -5.32 17.13
C LEU C 73 -5.86 -5.32 15.82
N GLU C 74 -5.82 -4.18 15.11
CA GLU C 74 -4.97 -4.07 13.93
C GLU C 74 -3.51 -4.42 14.24
N ALA C 75 -2.97 -3.87 15.33
CA ALA C 75 -1.58 -4.12 15.69
C ALA C 75 -1.34 -5.59 15.97
N VAL C 76 -2.28 -6.25 16.66
CA VAL C 76 -2.10 -7.67 16.95
C VAL C 76 -2.09 -8.46 15.65
N ASP C 77 -3.03 -8.16 14.75
CA ASP C 77 -3.05 -8.84 13.45
C ASP C 77 -1.80 -8.57 12.64
N ASN C 78 -1.20 -7.40 12.80
CA ASN C 78 -0.04 -7.00 12.02
C ASN C 78 1.26 -7.42 12.67
N ASN C 79 1.19 -8.23 13.73
CA ASN C 79 2.36 -8.73 14.45
C ASN C 79 3.19 -7.59 15.05
N GLU C 80 2.51 -6.55 15.54
CA GLU C 80 3.17 -5.42 16.18
C GLU C 80 2.79 -5.31 17.65
N LEU C 81 2.01 -6.25 18.17
CA LEU C 81 1.56 -6.22 19.53
C LEU C 81 1.17 -7.63 19.93
N SER C 82 1.51 -8.01 21.16
CA SER C 82 1.20 -9.32 21.69
C SER C 82 0.12 -9.19 22.75
N TRP C 83 -0.83 -10.14 22.79
CA TRP C 83 -1.88 -10.08 23.81
C TRP C 83 -1.32 -10.26 25.21
N ASP C 84 -0.20 -10.96 25.35
CA ASP C 84 0.35 -11.31 26.65
C ASP C 84 1.43 -10.34 27.13
N GLU C 85 1.83 -9.38 26.31
CA GLU C 85 2.78 -8.35 26.76
C GLU C 85 2.28 -7.70 28.03
N LYS C 86 3.18 -7.53 29.00
CA LYS C 86 2.83 -6.90 30.28
C LYS C 86 3.20 -5.42 30.26
N LEU C 87 2.20 -4.55 30.42
CA LEU C 87 2.37 -3.10 30.42
C LEU C 87 2.06 -2.53 31.81
N ASP C 88 2.78 -1.46 32.16
CA ASP C 88 2.52 -0.74 33.39
C ASP C 88 1.54 0.40 33.12
N LEU C 89 0.47 0.46 33.90
CA LEU C 89 -0.58 1.45 33.70
C LEU C 89 -0.05 2.88 33.79
N VAL C 90 -0.38 3.69 32.79
CA VAL C 90 -0.04 5.11 32.84
C VAL C 90 -0.83 5.79 33.96
N ARG C 91 -0.25 6.84 34.52
CA ARG C 91 -0.93 7.65 35.53
C ARG C 91 -1.87 8.64 34.86
N LEU C 92 -3.08 8.76 35.38
CA LEU C 92 -4.05 9.74 34.90
C LEU C 92 -3.88 11.06 35.65
N ASP C 93 -4.04 12.17 34.91
CA ASP C 93 -3.93 13.47 35.54
C ASP C 93 -5.16 13.78 36.40
N ASP C 94 -6.35 13.35 35.96
CA ASP C 94 -7.57 13.61 36.72
C ASP C 94 -7.79 12.46 37.68
N PRO C 95 -7.73 12.69 39.00
CA PRO C 95 -7.93 11.56 39.93
C PRO C 95 -9.35 11.04 39.94
N SER C 96 -10.31 11.83 39.46
CA SER C 96 -11.71 11.42 39.47
C SER C 96 -12.11 10.52 38.32
N ALA C 97 -11.27 10.40 37.29
CA ALA C 97 -11.63 9.57 36.14
C ALA C 97 -11.52 8.09 36.50
N VAL C 98 -12.48 7.30 36.02
CA VAL C 98 -12.49 5.88 36.29
C VAL C 98 -11.21 5.23 35.81
N SER C 99 -10.58 4.43 36.67
CA SER C 99 -9.31 3.81 36.34
C SER C 99 -9.26 2.38 36.83
N LEU C 100 -8.51 1.56 36.09
CA LEU C 100 -8.27 0.19 36.53
C LEU C 100 -7.48 0.17 37.84
N TYR C 101 -6.50 1.07 37.95
CA TYR C 101 -5.64 1.05 39.13
C TYR C 101 -6.42 1.37 40.40
N ALA C 102 -7.39 2.29 40.31
CA ALA C 102 -8.10 2.69 41.52
C ALA C 102 -8.83 1.52 42.17
N ILE C 103 -9.27 0.54 41.37
CA ILE C 103 -10.10 -0.54 41.91
C ILE C 103 -9.32 -1.83 42.11
N THR C 104 -8.01 -1.84 41.81
CA THR C 104 -7.19 -3.03 41.99
C THR C 104 -5.85 -2.77 42.66
N GLN C 105 -5.33 -1.54 42.63
CA GLN C 105 -4.00 -1.21 43.17
C GLN C 105 -2.89 -2.04 42.53
N LYS C 106 -3.08 -2.47 41.29
CA LYS C 106 -2.11 -3.27 40.56
C LYS C 106 -1.68 -2.51 39.32
N ARG C 107 -0.37 -2.34 39.16
CA ARG C 107 0.14 -1.53 38.05
C ARG C 107 0.31 -2.30 36.75
N THR C 108 0.64 -3.60 36.79
CA THR C 108 1.06 -4.34 35.60
C THR C 108 -0.06 -5.25 35.09
N TRP C 109 -0.35 -5.15 33.80
CA TRP C 109 -1.46 -5.87 33.19
C TRP C 109 -1.09 -6.31 31.79
N SER C 110 -1.61 -7.45 31.37
CA SER C 110 -1.39 -7.89 30.00
C SER C 110 -2.17 -6.98 29.03
N VAL C 111 -1.69 -6.92 27.78
CA VAL C 111 -2.41 -6.17 26.75
C VAL C 111 -3.86 -6.65 26.69
N ARG C 112 -4.07 -7.96 26.80
CA ARG C 112 -5.43 -8.50 26.79
C ARG C 112 -6.28 -7.92 27.91
N ASP C 113 -5.72 -7.84 29.13
CA ASP C 113 -6.51 -7.35 30.25
C ASP C 113 -6.79 -5.87 30.13
N LEU C 114 -5.79 -5.08 29.68
CA LEU C 114 -6.03 -3.66 29.44
C LEU C 114 -7.11 -3.45 28.40
N TYR C 115 -7.06 -4.23 27.32
CA TYR C 115 -8.08 -4.14 26.27
C TYR C 115 -9.47 -4.51 26.82
N SER C 116 -9.55 -5.55 27.65
CA SER C 116 -10.82 -5.89 28.28
C SER C 116 -11.29 -4.77 29.21
N ALA C 117 -10.37 -4.20 30.00
CA ALA C 117 -10.80 -3.16 30.95
C ALA C 117 -11.29 -1.92 30.22
N MET C 118 -10.63 -1.58 29.12
CA MET C 118 -11.03 -0.40 28.35
C MET C 118 -12.45 -0.55 27.82
N LEU C 119 -12.77 -1.71 27.25
CA LEU C 119 -14.09 -1.88 26.64
C LEU C 119 -15.19 -2.17 27.66
N THR C 120 -14.86 -2.81 28.79
CA THR C 120 -15.87 -3.32 29.72
C THR C 120 -16.24 -2.28 30.79
N MET C 121 -15.28 -1.91 31.64
CA MET C 121 -15.51 -0.92 32.67
C MET C 121 -15.14 0.48 32.24
N SER C 122 -14.61 0.62 31.02
CA SER C 122 -14.20 1.91 30.47
C SER C 122 -13.07 2.51 31.30
N ALA C 123 -12.07 1.69 31.58
CA ALA C 123 -10.91 2.16 32.34
C ALA C 123 -10.10 3.14 31.49
N ASN C 124 -10.00 4.38 31.95
CA ASN C 124 -9.29 5.40 31.18
C ASN C 124 -7.78 5.13 31.17
N ASP C 125 -7.23 4.70 32.30
CA ASP C 125 -5.79 4.45 32.34
C ASP C 125 -5.43 3.27 31.44
N ALA C 126 -6.30 2.26 31.33
CA ALA C 126 -6.07 1.16 30.39
C ALA C 126 -5.94 1.65 28.96
N ALA C 127 -6.87 2.51 28.53
CA ALA C 127 -6.86 2.98 27.15
C ALA C 127 -5.63 3.83 26.87
N GLU C 128 -5.26 4.70 27.81
CA GLU C 128 -4.08 5.55 27.64
C GLU C 128 -2.82 4.69 27.55
N THR C 129 -2.75 3.63 28.36
CA THR C 129 -1.59 2.75 28.33
C THR C 129 -1.46 2.06 26.99
N LEU C 130 -2.58 1.56 26.46
CA LEU C 130 -2.53 0.90 25.16
C LEU C 130 -2.09 1.85 24.06
N GLY C 131 -2.68 3.06 24.03
CA GLY C 131 -2.28 4.02 23.01
C GLY C 131 -0.84 4.49 23.16
N ASP C 132 -0.37 4.59 24.40
CA ASP C 132 1.04 4.95 24.60
C ASP C 132 1.95 3.85 24.06
N ARG C 133 1.63 2.59 24.36
CA ARG C 133 2.42 1.47 23.83
C ARG C 133 2.44 1.47 22.31
N LEU C 134 1.34 1.88 21.68
CA LEU C 134 1.22 1.77 20.23
C LEU C 134 1.95 2.89 19.50
N ASP C 135 1.79 4.14 19.97
CA ASP C 135 2.44 5.25 19.26
C ASP C 135 2.85 6.38 20.21
N GLY C 136 2.96 6.13 21.51
CA GLY C 136 3.45 7.15 22.42
C GLY C 136 2.54 8.36 22.40
N ALA C 137 3.15 9.54 22.48
CA ALA C 137 2.39 10.77 22.42
C ALA C 137 1.73 10.99 21.05
N ASP C 138 2.15 10.26 20.02
CA ASP C 138 1.62 10.45 18.68
C ASP C 138 0.35 9.65 18.42
N PHE C 139 -0.15 8.90 19.41
CA PHE C 139 -1.30 8.04 19.15
C PHE C 139 -2.53 8.80 18.64
N PRO C 140 -2.91 9.95 19.19
CA PRO C 140 -4.09 10.64 18.64
C PRO C 140 -3.96 10.99 17.17
N LYS C 141 -2.75 11.33 16.72
CA LYS C 141 -2.53 11.54 15.28
C LYS C 141 -2.82 10.26 14.49
N GLU C 142 -2.45 9.11 15.05
CA GLU C 142 -2.72 7.84 14.37
C GLU C 142 -4.20 7.49 14.43
N MET C 143 -4.87 7.84 15.53
CA MET C 143 -6.32 7.69 15.59
C MET C 143 -7.00 8.46 14.47
N ASN C 144 -6.53 9.68 14.19
CA ASN C 144 -7.18 10.50 13.17
C ASN C 144 -6.80 10.05 11.77
N ASN C 145 -5.55 9.63 11.58
CA ASN C 145 -5.15 8.99 10.33
C ASN C 145 -6.04 7.79 10.03
N GLN C 146 -6.24 6.92 11.02
CA GLN C 146 -7.13 5.79 10.83
C GLN C 146 -8.55 6.22 10.56
N ALA C 147 -9.02 7.28 11.24
CA ALA C 147 -10.35 7.82 10.95
C ALA C 147 -10.50 8.11 9.46
N LYS C 148 -9.50 8.78 8.87
CA LYS C 148 -9.55 9.07 7.45
C LYS C 148 -9.53 7.80 6.61
N LYS C 149 -8.67 6.83 6.97
CA LYS C 149 -8.65 5.55 6.26
C LYS C 149 -10.00 4.85 6.33
N LEU C 150 -10.73 5.04 7.43
CA LEU C 150 -12.01 4.38 7.67
C LEU C 150 -13.19 5.11 7.04
N GLY C 151 -12.98 6.24 6.38
CA GLY C 151 -14.06 6.93 5.72
C GLY C 151 -14.81 7.92 6.58
N MET C 152 -14.34 8.20 7.79
CA MET C 152 -14.97 9.22 8.61
C MET C 152 -14.67 10.61 8.06
N SER C 153 -15.65 11.51 8.19
CA SER C 153 -15.54 12.86 7.71
C SER C 153 -14.60 13.68 8.60
N SER C 154 -14.34 14.91 8.15
CA SER C 154 -13.49 15.84 8.87
C SER C 154 -14.14 16.33 10.17
N LYS C 155 -15.44 16.11 10.34
CA LYS C 155 -16.10 16.49 11.58
C LYS C 155 -15.62 15.66 12.77
N THR C 156 -14.98 14.52 12.52
CA THR C 156 -14.44 13.69 13.58
C THR C 156 -13.03 14.17 13.94
N THR C 157 -12.77 14.33 15.23
CA THR C 157 -11.40 14.58 15.70
C THR C 157 -11.20 13.87 17.02
N PHE C 158 -10.23 12.97 17.06
CA PHE C 158 -9.79 12.32 18.27
C PHE C 158 -8.64 13.10 18.90
N VAL C 159 -8.57 13.10 20.23
CA VAL C 159 -7.52 13.81 20.96
C VAL C 159 -6.76 12.91 21.93
N SER C 160 -7.26 11.72 22.24
CA SER C 160 -6.65 10.83 23.23
C SER C 160 -7.18 9.42 23.03
N ALA C 161 -6.39 8.43 23.48
CA ALA C 161 -6.82 7.04 23.39
C ALA C 161 -8.06 6.78 24.25
N SER C 162 -8.22 7.53 25.35
CA SER C 162 -9.33 7.33 26.26
C SER C 162 -10.53 8.19 25.94
N GLY C 163 -10.35 9.31 25.25
CA GLY C 163 -11.44 10.24 25.03
C GLY C 163 -11.50 11.38 26.00
N LEU C 164 -10.64 11.38 27.03
CA LEU C 164 -10.52 12.55 27.88
C LEU C 164 -9.88 13.70 27.10
N ASP C 165 -10.24 14.92 27.50
CA ASP C 165 -9.69 16.11 26.87
C ASP C 165 -8.17 16.16 26.98
N VAL C 166 -7.55 16.80 25.99
CA VAL C 166 -6.10 17.01 25.99
C VAL C 166 -5.86 18.46 25.57
N ASP C 167 -5.22 19.24 26.43
CA ASP C 167 -4.89 20.64 26.16
C ASP C 167 -6.14 21.46 25.86
N GLY C 168 -7.20 21.19 26.60
CA GLY C 168 -8.44 21.92 26.45
C GLY C 168 -9.21 21.64 25.18
N LYS C 169 -8.96 20.51 24.53
CA LYS C 169 -9.66 20.14 23.30
C LYS C 169 -10.32 18.77 23.49
N SER C 170 -11.56 18.63 23.05
CA SER C 170 -12.34 17.43 23.27
C SER C 170 -12.40 16.59 21.99
N ALA C 171 -12.65 15.30 22.17
CA ALA C 171 -12.95 14.42 21.06
C ALA C 171 -14.39 14.64 20.60
N VAL C 172 -14.59 14.71 19.28
CA VAL C 172 -15.89 14.99 18.70
C VAL C 172 -16.10 14.11 17.49
N SER C 173 -17.37 13.86 17.16
CA SER C 173 -17.75 13.09 15.97
C SER C 173 -19.24 13.33 15.69
N THR C 174 -19.77 12.62 14.70
CA THR C 174 -21.19 12.69 14.36
C THR C 174 -21.76 11.28 14.43
N THR C 175 -23.09 11.17 14.51
CA THR C 175 -23.67 9.83 14.52
C THR C 175 -23.25 9.04 13.29
N LYS C 176 -23.18 9.70 12.13
CA LYS C 176 -22.84 9.00 10.90
C LYS C 176 -21.40 8.49 10.92
N ASP C 177 -20.47 9.32 11.40
CA ASP C 177 -19.08 8.88 11.53
C ASP C 177 -18.94 7.74 12.51
N LEU C 178 -19.63 7.83 13.65
CA LEU C 178 -19.57 6.75 14.63
C LEU C 178 -20.15 5.46 14.06
N PHE C 179 -21.17 5.56 13.21
CA PHE C 179 -21.64 4.35 12.54
C PHE C 179 -20.56 3.76 11.64
N LEU C 180 -19.92 4.60 10.81
CA LEU C 180 -18.85 4.10 9.96
C LEU C 180 -17.75 3.44 10.79
N LEU C 181 -17.35 4.09 11.89
CA LEU C 181 -16.34 3.49 12.77
C LEU C 181 -16.82 2.15 13.32
N SER C 182 -18.01 2.12 13.94
CA SER C 182 -18.44 0.91 14.62
C SER C 182 -18.63 -0.23 13.64
N SER C 183 -19.20 0.06 12.46
CA SER C 183 -19.45 -1.01 11.51
C SER C 183 -18.14 -1.58 10.98
N LYS C 184 -17.15 -0.72 10.76
CA LYS C 184 -15.85 -1.18 10.29
C LYS C 184 -15.11 -1.97 11.36
N LEU C 185 -15.15 -1.51 12.61
CA LEU C 185 -14.60 -2.30 13.71
C LEU C 185 -15.22 -3.69 13.75
N ILE C 186 -16.55 -3.77 13.60
CA ILE C 186 -17.23 -5.03 13.82
C ILE C 186 -16.98 -5.98 12.65
N SER C 187 -16.98 -5.49 11.42
CA SER C 187 -16.76 -6.39 10.29
C SER C 187 -15.29 -6.74 10.10
N THR C 188 -14.38 -5.86 10.54
CA THR C 188 -12.95 -6.14 10.45
C THR C 188 -12.49 -7.05 11.58
N HIS C 189 -13.00 -6.81 12.79
CA HIS C 189 -12.60 -7.56 13.98
C HIS C 189 -13.85 -7.99 14.74
N PRO C 190 -14.58 -8.97 14.20
CA PRO C 190 -15.82 -9.40 14.87
C PRO C 190 -15.59 -9.93 16.26
N GLU C 191 -14.37 -10.40 16.57
CA GLU C 191 -14.07 -10.87 17.90
C GLU C 191 -14.20 -9.77 18.95
N VAL C 192 -14.28 -8.50 18.54
CA VAL C 192 -14.57 -7.44 19.51
C VAL C 192 -15.83 -7.77 20.30
N LEU C 193 -16.82 -8.36 19.62
CA LEU C 193 -18.10 -8.67 20.26
C LEU C 193 -18.02 -9.81 21.27
N GLU C 194 -16.95 -10.62 21.24
CA GLU C 194 -16.76 -11.61 22.28
C GLU C 194 -16.47 -10.96 23.62
N THR C 195 -15.87 -9.77 23.61
CA THR C 195 -15.66 -9.02 24.84
C THR C 195 -16.87 -8.15 25.19
N THR C 196 -17.32 -7.31 24.25
CA THR C 196 -18.39 -6.37 24.59
C THR C 196 -19.72 -7.07 24.91
N SER C 197 -19.88 -8.33 24.54
CA SER C 197 -21.12 -9.04 24.84
C SER C 197 -21.21 -9.56 26.27
N LYS C 198 -20.14 -9.48 27.05
CA LYS C 198 -20.17 -10.13 28.36
C LYS C 198 -20.53 -9.13 29.45
N PRO C 199 -21.48 -9.39 30.33
CA PRO C 199 -21.70 -8.46 31.45
C PRO C 199 -20.55 -8.47 32.46
N THR C 200 -19.74 -9.54 32.48
CA THR C 200 -18.54 -9.58 33.31
C THR C 200 -17.42 -10.29 32.58
N VAL C 201 -16.22 -9.74 32.65
CA VAL C 201 -15.04 -10.32 32.01
C VAL C 201 -14.03 -10.69 33.10
N THR C 202 -13.61 -11.94 33.11
CA THR C 202 -12.60 -12.40 34.05
C THR C 202 -11.23 -12.27 33.41
N THR C 203 -10.37 -11.43 33.98
CA THR C 203 -9.09 -11.14 33.36
C THR C 203 -8.14 -12.33 33.46
N ASP C 204 -7.08 -12.26 32.66
CA ASP C 204 -5.93 -13.15 32.83
C ASP C 204 -5.39 -13.09 34.24
N LYS C 205 -5.25 -11.88 34.80
CA LYS C 205 -4.72 -11.76 36.15
C LYS C 205 -5.63 -12.45 37.16
N GLY C 206 -6.94 -12.32 36.97
CA GLY C 206 -7.88 -12.91 37.92
C GLY C 206 -9.05 -12.02 38.30
N ALA C 207 -8.82 -10.70 38.33
CA ALA C 207 -9.88 -9.76 38.65
C ALA C 207 -11.04 -9.90 37.66
N LYS C 208 -12.26 -9.73 38.15
CA LYS C 208 -13.47 -9.78 37.32
C LYS C 208 -13.96 -8.35 37.10
N LEU C 209 -14.14 -7.98 35.84
CA LEU C 209 -14.53 -6.63 35.45
C LEU C 209 -15.99 -6.63 35.02
N GLU C 210 -16.71 -5.56 35.37
CA GLU C 210 -18.14 -5.47 35.10
C GLU C 210 -18.40 -4.47 33.99
N SER C 211 -19.29 -4.85 33.08
CA SER C 211 -19.64 -4.02 31.94
C SER C 211 -20.51 -2.85 32.37
N THR C 212 -20.32 -1.73 31.67
CA THR C 212 -21.17 -0.55 31.81
C THR C 212 -22.45 -0.64 30.99
N ASN C 213 -22.52 -1.64 30.11
CA ASN C 213 -23.66 -1.90 29.23
C ASN C 213 -24.76 -2.61 30.03
N ASP C 214 -25.67 -1.82 30.59
CA ASP C 214 -26.78 -2.37 31.37
C ASP C 214 -27.80 -3.14 30.53
N LEU C 215 -27.74 -3.01 29.22
CA LEU C 215 -28.76 -3.57 28.35
C LEU C 215 -28.45 -4.98 27.88
N LEU C 216 -27.26 -5.50 28.12
CA LEU C 216 -27.01 -6.89 27.78
C LEU C 216 -28.02 -7.74 28.57
N GLY C 217 -28.63 -8.69 27.89
CA GLY C 217 -29.65 -9.50 28.53
C GLY C 217 -31.06 -8.98 28.46
N SER C 218 -31.25 -7.70 28.10
CA SER C 218 -32.56 -7.08 28.00
C SER C 218 -33.07 -6.97 26.57
N ILE C 219 -32.18 -6.68 25.63
CA ILE C 219 -32.54 -6.52 24.21
C ILE C 219 -32.10 -7.76 23.45
N GLN C 220 -33.02 -8.36 22.73
CA GLN C 220 -32.72 -9.59 22.00
C GLN C 220 -31.62 -9.34 20.97
N GLY C 221 -30.55 -10.12 21.08
CA GLY C 221 -29.47 -10.08 20.11
C GLY C 221 -28.45 -8.99 20.33
N LEU C 222 -28.56 -8.23 21.42
CA LEU C 222 -27.63 -7.14 21.69
C LEU C 222 -26.28 -7.66 22.19
N ASP C 223 -25.19 -7.20 21.56
CA ASP C 223 -23.87 -7.73 21.91
C ASP C 223 -22.79 -6.66 21.96
N GLY C 224 -23.16 -5.39 22.03
CA GLY C 224 -22.22 -4.30 22.13
C GLY C 224 -22.99 -3.01 22.23
N LEU C 225 -22.27 -1.89 22.23
CA LEU C 225 -20.84 -1.81 21.99
C LEU C 225 -20.07 -1.00 23.06
N LYS C 226 -20.51 0.22 23.38
CA LYS C 226 -19.68 1.09 24.23
C LYS C 226 -20.44 2.29 24.80
N THR C 227 -20.29 2.51 26.10
CA THR C 227 -20.84 3.64 26.85
C THR C 227 -19.86 4.81 26.90
N GLY C 228 -20.40 5.99 27.22
CA GLY C 228 -19.59 7.17 27.44
C GLY C 228 -20.33 8.17 28.29
N PHE C 229 -19.58 9.00 29.02
CA PHE C 229 -20.18 10.09 29.76
C PHE C 229 -19.13 11.10 30.12
N THR C 230 -19.39 12.37 29.82
CA THR C 230 -18.78 13.52 30.47
C THR C 230 -19.87 14.58 30.64
N ASP C 231 -19.53 15.64 31.37
CA ASP C 231 -20.47 16.76 31.48
C ASP C 231 -20.74 17.38 30.12
N GLU C 232 -19.71 17.51 29.29
CA GLU C 232 -19.86 18.09 27.95
C GLU C 232 -20.54 17.14 26.98
N ALA C 233 -20.32 15.84 27.12
CA ALA C 233 -20.86 14.88 26.17
C ALA C 233 -22.22 14.31 26.57
N GLY C 234 -22.65 14.53 27.81
CA GLY C 234 -23.85 13.87 28.29
C GLY C 234 -23.64 12.36 28.32
N TYR C 235 -24.76 11.66 28.50
CA TYR C 235 -24.72 10.20 28.57
C TYR C 235 -24.87 9.60 27.17
N CYS C 236 -23.89 8.78 26.78
CA CYS C 236 -23.78 8.28 25.41
C CYS C 236 -23.71 6.77 25.39
N PHE C 237 -24.11 6.18 24.26
CA PHE C 237 -23.98 4.73 24.10
C PHE C 237 -24.07 4.38 22.61
N ILE C 238 -23.16 3.54 22.14
CA ILE C 238 -23.28 2.89 20.84
C ILE C 238 -23.70 1.46 21.07
N GLY C 239 -24.85 1.07 20.53
CA GLY C 239 -25.27 -0.30 20.73
C GLY C 239 -25.22 -1.06 19.42
N THR C 240 -25.14 -2.39 19.50
CA THR C 240 -25.36 -3.19 18.30
C THR C 240 -26.03 -4.49 18.67
N ALA C 241 -26.87 -4.97 17.75
CA ALA C 241 -27.63 -6.20 17.92
C ALA C 241 -27.72 -6.91 16.58
N GLU C 242 -27.79 -8.24 16.63
CA GLU C 242 -28.06 -9.03 15.42
C GLU C 242 -29.21 -9.99 15.69
N ARG C 243 -30.16 -10.06 14.76
CA ARG C 243 -31.24 -11.05 14.76
C ARG C 243 -31.38 -11.63 13.37
N GLY C 244 -31.16 -12.93 13.24
CA GLY C 244 -31.48 -13.62 12.00
C GLY C 244 -30.76 -13.09 10.78
N GLY C 245 -29.49 -12.73 10.93
CA GLY C 245 -28.68 -12.25 9.85
C GLY C 245 -28.58 -10.73 9.73
N LYS C 246 -29.49 -10.00 10.37
CA LYS C 246 -29.57 -8.55 10.22
C LYS C 246 -28.95 -7.87 11.45
N ARG C 247 -27.96 -7.02 11.22
CA ARG C 247 -27.28 -6.30 12.29
C ARG C 247 -27.59 -4.83 12.20
N VAL C 248 -27.90 -4.20 13.33
CA VAL C 248 -28.07 -2.76 13.37
C VAL C 248 -27.08 -2.17 14.37
N ILE C 249 -26.78 -0.89 14.17
CA ILE C 249 -25.94 -0.14 15.09
C ILE C 249 -26.73 1.11 15.48
N SER C 250 -26.90 1.32 16.79
CA SER C 250 -27.54 2.52 17.32
C SER C 250 -26.50 3.45 17.93
N ILE C 251 -26.74 4.75 17.81
CA ILE C 251 -25.87 5.77 18.40
C ILE C 251 -26.76 6.73 19.19
N VAL C 252 -26.43 6.94 20.46
CA VAL C 252 -27.13 7.88 21.33
C VAL C 252 -26.08 8.81 21.91
N LEU C 253 -26.22 10.10 21.67
CA LEU C 253 -25.29 11.11 22.17
C LEU C 253 -26.05 12.14 22.99
N ASP C 254 -25.53 12.44 24.19
CA ASP C 254 -26.03 13.52 25.05
C ASP C 254 -27.45 13.26 25.58
N ALA C 255 -27.69 12.04 26.05
CA ALA C 255 -28.87 11.75 26.85
C ALA C 255 -28.74 12.34 28.26
N GLY C 256 -29.89 12.50 28.93
CA GLY C 256 -29.90 13.24 30.20
C GLY C 256 -29.40 12.48 31.41
N THR C 257 -29.57 11.16 31.44
CA THR C 257 -29.10 10.35 32.57
C THR C 257 -28.43 9.08 32.06
N ALA C 258 -27.78 8.37 32.99
CA ALA C 258 -27.17 7.07 32.69
C ALA C 258 -28.20 6.06 32.20
N GLU C 259 -29.44 6.12 32.68
CA GLU C 259 -30.46 5.17 32.24
C GLU C 259 -31.14 5.64 30.96
N LYS C 260 -31.27 6.95 30.75
CA LYS C 260 -32.00 7.42 29.57
C LYS C 260 -31.26 7.08 28.28
N ARG C 261 -29.92 6.97 28.32
CA ARG C 261 -29.21 6.56 27.10
C ARG C 261 -29.57 5.15 26.70
N PHE C 262 -29.91 4.30 27.68
CA PHE C 262 -30.38 2.96 27.38
C PHE C 262 -31.86 2.93 27.00
N LYS C 263 -32.68 3.82 27.58
CA LYS C 263 -34.08 3.93 27.15
C LYS C 263 -34.15 4.35 25.68
N ASP C 264 -33.33 5.33 25.29
CA ASP C 264 -33.26 5.76 23.90
C ASP C 264 -32.81 4.61 23.00
N THR C 265 -31.87 3.81 23.48
CA THR C 265 -31.37 2.67 22.71
C THR C 265 -32.45 1.62 22.53
N GLU C 266 -33.23 1.34 23.58
CA GLU C 266 -34.37 0.42 23.44
C GLU C 266 -35.28 0.86 22.31
N LYS C 267 -35.58 2.17 22.23
CA LYS C 267 -36.46 2.69 21.20
C LYS C 267 -35.83 2.57 19.82
N LEU C 268 -34.52 2.87 19.72
CA LEU C 268 -33.85 2.78 18.43
C LEU C 268 -33.71 1.33 17.97
N MET C 269 -33.56 0.40 18.91
CA MET C 269 -33.48 -1.01 18.53
C MET C 269 -34.82 -1.50 18.00
N GLU C 270 -35.92 -1.06 18.62
CA GLU C 270 -37.24 -1.43 18.10
C GLU C 270 -37.44 -0.90 16.68
N VAL C 271 -37.00 0.32 16.42
CA VAL C 271 -37.11 0.90 15.07
C VAL C 271 -36.23 0.13 14.09
N GLY C 272 -35.01 -0.23 14.53
CA GLY C 272 -34.08 -0.91 13.64
C GLY C 272 -34.57 -2.27 13.18
N PHE C 273 -35.33 -2.97 14.01
CA PHE C 273 -35.85 -4.29 13.65
C PHE C 273 -37.33 -4.27 13.32
N LYS C 274 -37.92 -3.10 13.15
CA LYS C 274 -39.34 -2.95 12.82
C LYS C 274 -39.76 -3.80 11.62
N GLN D 28 9.42 -23.00 19.74
CA GLN D 28 8.77 -22.33 18.61
C GLN D 28 8.34 -20.90 18.96
N PRO D 29 8.17 -20.04 17.96
CA PRO D 29 7.76 -18.66 18.21
C PRO D 29 6.34 -18.59 18.78
N ASN D 30 6.06 -17.47 19.45
CA ASN D 30 4.77 -17.25 20.10
C ASN D 30 3.95 -16.30 19.23
N LEU D 31 3.11 -16.86 18.37
CA LEU D 31 2.24 -16.06 17.53
C LEU D 31 0.85 -15.98 18.17
N TYR D 32 0.12 -14.94 17.79
CA TYR D 32 -1.26 -14.70 18.21
C TYR D 32 -2.13 -14.70 16.96
N LEU D 33 -2.47 -15.89 16.48
CA LEU D 33 -3.20 -16.05 15.23
C LEU D 33 -4.70 -16.01 15.45
N SER D 34 -5.41 -15.58 14.41
CA SER D 34 -6.85 -15.75 14.40
C SER D 34 -7.24 -17.22 14.30
N ALA D 35 -6.49 -17.99 13.49
CA ALA D 35 -6.86 -19.37 13.20
C ALA D 35 -6.92 -20.22 14.46
N ASN D 36 -7.84 -21.18 14.45
CA ASN D 36 -7.92 -22.19 15.50
C ASN D 36 -6.80 -23.23 15.36
N ALA D 37 -6.43 -23.56 14.13
CA ALA D 37 -5.36 -24.53 13.86
C ALA D 37 -4.46 -23.94 12.78
N ALA D 38 -3.14 -24.00 13.00
CA ALA D 38 -2.24 -23.40 12.01
C ALA D 38 -0.85 -23.98 12.16
N ALA D 39 -0.07 -23.86 11.09
CA ALA D 39 1.27 -24.43 11.11
C ALA D 39 2.05 -23.92 9.92
N VAL D 40 3.37 -24.02 10.01
CA VAL D 40 4.22 -23.75 8.86
C VAL D 40 5.37 -24.77 8.87
N TYR D 41 5.63 -25.38 7.72
CA TYR D 41 6.56 -26.48 7.56
C TYR D 41 7.60 -26.16 6.50
N SER D 42 8.84 -26.62 6.73
CA SER D 42 9.86 -26.62 5.69
C SER D 42 9.70 -27.84 4.78
N VAL D 43 9.73 -27.61 3.46
CA VAL D 43 9.54 -28.71 2.52
C VAL D 43 10.76 -29.63 2.53
N GLU D 44 11.95 -29.07 2.72
CA GLU D 44 13.19 -29.82 2.57
C GLU D 44 13.26 -31.01 3.52
N ASN D 45 12.76 -30.86 4.74
CA ASN D 45 12.76 -31.96 5.69
C ASN D 45 11.39 -32.26 6.29
N GLY D 46 10.35 -31.54 5.86
CA GLY D 46 9.03 -31.75 6.44
C GLY D 46 8.89 -31.30 7.86
N GLU D 47 9.86 -30.58 8.40
CA GLU D 47 9.89 -30.30 9.82
C GLU D 47 9.04 -29.09 10.14
N ALA D 48 8.37 -29.13 11.29
CA ALA D 48 7.51 -28.04 11.71
C ALA D 48 8.35 -26.89 12.24
N LEU D 49 8.03 -25.69 11.79
CA LEU D 49 8.58 -24.45 12.33
C LEU D 49 7.60 -23.76 13.25
N TYR D 50 6.31 -24.07 13.14
CA TYR D 50 5.28 -23.62 14.06
C TYR D 50 4.09 -24.54 13.92
N GLU D 51 3.49 -24.92 15.04
CA GLU D 51 2.31 -25.80 15.04
C GLU D 51 1.36 -25.37 16.15
N GLN D 52 0.08 -25.31 15.82
CA GLN D 52 -0.96 -25.00 16.79
C GLN D 52 -2.15 -25.89 16.45
N ASN D 53 -2.46 -26.85 17.33
CA ASN D 53 -3.54 -27.81 17.09
C ASN D 53 -3.34 -28.59 15.78
N ALA D 54 -2.08 -28.97 15.51
CA ALA D 54 -1.73 -29.59 14.23
C ALA D 54 -2.28 -31.00 14.06
N ASP D 55 -2.78 -31.62 15.12
CA ASP D 55 -3.37 -32.95 15.05
C ASP D 55 -4.89 -32.93 15.09
N LYS D 56 -5.50 -31.75 15.17
CA LYS D 56 -6.92 -31.62 15.41
C LYS D 56 -7.70 -31.78 14.11
N VAL D 57 -8.74 -32.60 14.13
CA VAL D 57 -9.57 -32.81 12.94
C VAL D 57 -10.38 -31.55 12.68
N MET D 58 -10.23 -30.97 11.49
CA MET D 58 -10.87 -29.71 11.15
C MET D 58 -11.59 -29.81 9.81
N PRO D 59 -12.75 -29.17 9.66
CA PRO D 59 -13.35 -29.06 8.32
C PRO D 59 -12.44 -28.28 7.38
N ILE D 60 -12.31 -28.76 6.15
CA ILE D 60 -11.37 -28.14 5.22
C ILE D 60 -12.04 -27.53 3.99
N ALA D 61 -13.28 -27.88 3.67
CA ALA D 61 -14.06 -27.19 2.63
C ALA D 61 -13.28 -27.16 1.32
N SER D 62 -13.16 -26.00 0.66
CA SER D 62 -12.57 -25.87 -0.66
C SER D 62 -11.09 -26.25 -0.72
N LEU D 63 -10.42 -26.41 0.42
CA LEU D 63 -9.06 -26.96 0.34
C LEU D 63 -9.05 -28.34 -0.30
N SER D 64 -10.20 -29.02 -0.33
CA SER D 64 -10.30 -30.29 -1.03
C SER D 64 -9.90 -30.17 -2.50
N LYS D 65 -10.08 -29.00 -3.09
CA LYS D 65 -9.77 -28.82 -4.51
C LYS D 65 -8.31 -29.09 -4.85
N LEU D 66 -7.42 -29.10 -3.86
CA LEU D 66 -6.03 -29.45 -4.13
C LEU D 66 -5.89 -30.92 -4.47
N MET D 67 -6.70 -31.77 -3.85
CA MET D 67 -6.69 -33.19 -4.19
C MET D 67 -7.31 -33.42 -5.57
N THR D 68 -8.39 -32.72 -5.87
CA THR D 68 -8.95 -32.75 -7.21
C THR D 68 -7.91 -32.28 -8.23
N ALA D 69 -7.20 -31.19 -7.93
CA ALA D 69 -6.14 -30.73 -8.83
C ALA D 69 -5.09 -31.81 -9.04
N PHE D 70 -4.64 -32.43 -7.96
CA PHE D 70 -3.64 -33.49 -8.08
C PHE D 70 -4.15 -34.60 -8.98
N LEU D 71 -5.41 -35.00 -8.80
CA LEU D 71 -5.95 -36.12 -9.57
C LEU D 71 -6.18 -35.73 -11.03
N VAL D 72 -6.54 -34.47 -11.29
CA VAL D 72 -6.64 -34.00 -12.68
C VAL D 72 -5.27 -34.08 -13.35
N LEU D 73 -4.23 -33.59 -12.66
CA LEU D 73 -2.91 -33.60 -13.25
C LEU D 73 -2.38 -35.02 -13.45
N GLU D 74 -2.67 -35.92 -12.51
CA GLU D 74 -2.32 -37.33 -12.73
C GLU D 74 -2.98 -37.87 -13.99
N ALA D 75 -4.25 -37.53 -14.20
CA ALA D 75 -4.97 -38.05 -15.36
C ALA D 75 -4.33 -37.57 -16.66
N VAL D 76 -3.91 -36.31 -16.71
CA VAL D 76 -3.30 -35.81 -17.94
C VAL D 76 -1.98 -36.51 -18.19
N ASP D 77 -1.14 -36.67 -17.15
CA ASP D 77 0.11 -37.41 -17.29
C ASP D 77 -0.12 -38.85 -17.70
N ASN D 78 -1.24 -39.46 -17.27
CA ASN D 78 -1.50 -40.85 -17.57
C ASN D 78 -2.24 -41.06 -18.90
N ASN D 79 -2.34 -40.02 -19.71
CA ASN D 79 -3.04 -40.07 -21.00
C ASN D 79 -4.50 -40.45 -20.83
N GLU D 80 -5.11 -40.07 -19.71
CA GLU D 80 -6.52 -40.35 -19.45
C GLU D 80 -7.38 -39.10 -19.50
N LEU D 81 -6.79 -37.93 -19.76
CA LEU D 81 -7.53 -36.67 -19.76
C LEU D 81 -6.81 -35.65 -20.64
N SER D 82 -7.58 -34.94 -21.46
CA SER D 82 -7.05 -33.93 -22.36
C SER D 82 -7.36 -32.55 -21.82
N TRP D 83 -6.37 -31.63 -21.89
CA TRP D 83 -6.63 -30.25 -21.49
C TRP D 83 -7.65 -29.57 -22.38
N ASP D 84 -7.81 -30.04 -23.62
CA ASP D 84 -8.70 -29.42 -24.59
C ASP D 84 -10.10 -30.04 -24.64
N GLU D 85 -10.36 -31.08 -23.85
CA GLU D 85 -11.71 -31.64 -23.78
C GLU D 85 -12.71 -30.58 -23.34
N LYS D 86 -13.89 -30.56 -23.97
CA LYS D 86 -14.94 -29.63 -23.59
C LYS D 86 -15.99 -30.35 -22.75
N LEU D 87 -16.27 -29.82 -21.57
CA LEU D 87 -17.24 -30.41 -20.64
C LEU D 87 -18.30 -29.39 -20.26
N ASP D 88 -19.51 -29.88 -20.00
CA ASP D 88 -20.59 -29.05 -19.51
C ASP D 88 -20.57 -29.04 -17.98
N LEU D 89 -20.67 -27.84 -17.40
CA LEU D 89 -20.66 -27.72 -15.94
C LEU D 89 -21.83 -28.48 -15.32
N VAL D 90 -21.53 -29.30 -14.32
CA VAL D 90 -22.59 -29.98 -13.59
C VAL D 90 -23.30 -28.98 -12.70
N ARG D 91 -24.57 -29.23 -12.42
CA ARG D 91 -25.36 -28.34 -11.56
C ARG D 91 -25.17 -28.71 -10.11
N LEU D 92 -25.05 -27.69 -9.26
CA LEU D 92 -24.85 -27.91 -7.83
C LEU D 92 -26.20 -27.99 -7.14
N ASP D 93 -26.37 -29.01 -6.29
CA ASP D 93 -27.59 -29.12 -5.51
C ASP D 93 -27.80 -27.90 -4.63
N ASP D 94 -26.82 -27.60 -3.77
CA ASP D 94 -26.81 -26.37 -2.98
C ASP D 94 -26.63 -25.19 -3.93
N PRO D 95 -27.63 -24.32 -4.04
CA PRO D 95 -27.58 -23.22 -5.02
C PRO D 95 -26.90 -21.94 -4.52
N SER D 96 -26.40 -21.92 -3.30
CA SER D 96 -25.74 -20.72 -2.76
C SER D 96 -24.25 -20.70 -3.02
N ALA D 97 -23.65 -21.82 -3.43
CA ALA D 97 -22.21 -21.89 -3.54
C ALA D 97 -21.71 -21.03 -4.70
N VAL D 98 -20.44 -20.64 -4.62
CA VAL D 98 -19.79 -19.94 -5.72
C VAL D 98 -19.78 -20.85 -6.95
N SER D 99 -20.25 -20.36 -8.08
CA SER D 99 -20.37 -21.19 -9.26
C SER D 99 -19.92 -20.44 -10.50
N LEU D 100 -19.08 -21.10 -11.31
CA LEU D 100 -18.64 -20.54 -12.58
C LEU D 100 -19.83 -20.27 -13.50
N TYR D 101 -20.83 -21.17 -13.50
CA TYR D 101 -21.96 -20.98 -14.40
C TYR D 101 -22.75 -19.73 -14.04
N ALA D 102 -23.03 -19.50 -12.76
CA ALA D 102 -23.88 -18.38 -12.39
C ALA D 102 -23.25 -17.05 -12.78
N ILE D 103 -21.92 -16.98 -12.71
CA ILE D 103 -21.20 -15.74 -13.00
C ILE D 103 -21.04 -15.50 -14.50
N THR D 104 -21.04 -16.56 -15.33
CA THR D 104 -20.84 -16.38 -16.75
C THR D 104 -22.07 -16.71 -17.60
N GLN D 105 -23.02 -17.48 -17.06
CA GLN D 105 -24.11 -18.06 -17.84
C GLN D 105 -23.60 -18.93 -18.99
N LYS D 106 -22.37 -19.44 -18.88
CA LYS D 106 -21.75 -20.24 -19.92
C LYS D 106 -21.50 -21.64 -19.35
N ARG D 107 -22.08 -22.64 -19.99
CA ARG D 107 -22.02 -23.97 -19.40
C ARG D 107 -20.84 -24.79 -19.88
N THR D 108 -20.34 -24.58 -21.10
CA THR D 108 -19.31 -25.44 -21.68
C THR D 108 -17.94 -24.80 -21.50
N TRP D 109 -16.99 -25.59 -20.97
CA TRP D 109 -15.66 -25.12 -20.69
C TRP D 109 -14.66 -26.24 -20.96
N SER D 110 -13.47 -25.84 -21.40
CA SER D 110 -12.38 -26.78 -21.56
C SER D 110 -11.88 -27.25 -20.21
N VAL D 111 -11.29 -28.45 -20.19
CA VAL D 111 -10.72 -28.98 -18.95
C VAL D 111 -9.69 -28.02 -18.37
N ARG D 112 -8.89 -27.40 -19.25
CA ARG D 112 -7.89 -26.41 -18.79
C ARG D 112 -8.55 -25.28 -18.01
N ASP D 113 -9.59 -24.68 -18.59
CA ASP D 113 -10.26 -23.56 -17.92
C ASP D 113 -11.00 -24.00 -16.66
N LEU D 114 -11.59 -25.20 -16.67
CA LEU D 114 -12.23 -25.71 -15.45
C LEU D 114 -11.22 -25.84 -14.32
N TYR D 115 -10.03 -26.35 -14.65
CA TYR D 115 -8.95 -26.48 -13.66
C TYR D 115 -8.48 -25.11 -13.19
N SER D 116 -8.29 -24.15 -14.10
CA SER D 116 -7.93 -22.79 -13.69
C SER D 116 -9.02 -22.19 -12.78
N ALA D 117 -10.28 -22.38 -13.13
CA ALA D 117 -11.35 -21.76 -12.35
C ALA D 117 -11.48 -22.42 -10.99
N MET D 118 -11.20 -23.72 -10.91
CA MET D 118 -11.17 -24.39 -9.61
C MET D 118 -10.11 -23.77 -8.71
N LEU D 119 -8.90 -23.53 -9.24
CA LEU D 119 -7.77 -23.10 -8.42
C LEU D 119 -7.79 -21.60 -8.12
N THR D 120 -8.22 -20.77 -9.07
CA THR D 120 -8.16 -19.32 -8.91
C THR D 120 -9.35 -18.77 -8.13
N MET D 121 -10.56 -18.93 -8.66
CA MET D 121 -11.77 -18.39 -8.06
C MET D 121 -12.52 -19.40 -7.19
N SER D 122 -12.03 -20.64 -7.11
CA SER D 122 -12.67 -21.69 -6.32
C SER D 122 -14.11 -21.94 -6.79
N ALA D 123 -14.27 -22.12 -8.10
CA ALA D 123 -15.58 -22.43 -8.68
C ALA D 123 -15.99 -23.85 -8.29
N ASN D 124 -17.03 -23.98 -7.47
CA ASN D 124 -17.39 -25.32 -6.98
C ASN D 124 -17.85 -26.21 -8.13
N ASP D 125 -18.60 -25.66 -9.08
CA ASP D 125 -19.11 -26.53 -10.14
C ASP D 125 -17.99 -26.98 -11.06
N ALA D 126 -16.95 -26.16 -11.24
CA ALA D 126 -15.80 -26.60 -12.02
C ALA D 126 -15.13 -27.78 -11.34
N ALA D 127 -14.94 -27.71 -10.03
CA ALA D 127 -14.32 -28.84 -9.33
C ALA D 127 -15.17 -30.09 -9.45
N GLU D 128 -16.49 -29.95 -9.28
CA GLU D 128 -17.37 -31.12 -9.36
C GLU D 128 -17.41 -31.72 -10.76
N THR D 129 -17.32 -30.87 -11.79
CA THR D 129 -17.35 -31.34 -13.16
C THR D 129 -16.09 -32.15 -13.49
N LEU D 130 -14.94 -31.69 -12.99
CA LEU D 130 -13.70 -32.41 -13.22
C LEU D 130 -13.70 -33.77 -12.52
N GLY D 131 -14.16 -33.80 -11.27
CA GLY D 131 -14.22 -35.06 -10.55
C GLY D 131 -15.22 -36.03 -11.17
N ASP D 132 -16.33 -35.51 -11.67
CA ASP D 132 -17.29 -36.38 -12.35
C ASP D 132 -16.69 -36.96 -13.63
N ARG D 133 -15.99 -36.13 -14.41
CA ARG D 133 -15.33 -36.62 -15.62
C ARG D 133 -14.29 -37.69 -15.30
N LEU D 134 -13.60 -37.54 -14.17
CA LEU D 134 -12.55 -38.49 -13.80
C LEU D 134 -13.13 -39.82 -13.34
N ASP D 135 -14.08 -39.79 -12.41
CA ASP D 135 -14.51 -41.05 -11.81
C ASP D 135 -16.00 -41.14 -11.52
N GLY D 136 -16.82 -40.24 -12.05
CA GLY D 136 -18.24 -40.27 -11.77
C GLY D 136 -18.52 -40.20 -10.29
N ALA D 137 -19.51 -40.96 -9.84
CA ALA D 137 -19.89 -41.03 -8.43
C ALA D 137 -18.78 -41.61 -7.56
N ASP D 138 -17.82 -42.31 -8.14
CA ASP D 138 -16.74 -42.90 -7.38
C ASP D 138 -15.61 -41.92 -7.08
N PHE D 139 -15.73 -40.64 -7.43
CA PHE D 139 -14.60 -39.75 -7.23
C PHE D 139 -14.21 -39.57 -5.76
N PRO D 140 -15.12 -39.37 -4.80
CA PRO D 140 -14.66 -39.25 -3.40
C PRO D 140 -13.85 -40.45 -2.96
N LYS D 141 -14.20 -41.64 -3.44
CA LYS D 141 -13.41 -42.82 -3.13
C LYS D 141 -12.00 -42.69 -3.68
N GLU D 142 -11.86 -42.14 -4.89
CA GLU D 142 -10.54 -42.00 -5.49
C GLU D 142 -9.73 -40.94 -4.76
N MET D 143 -10.39 -39.87 -4.30
CA MET D 143 -9.71 -38.88 -3.47
C MET D 143 -9.14 -39.51 -2.21
N ASN D 144 -9.93 -40.38 -1.56
CA ASN D 144 -9.44 -40.97 -0.31
C ASN D 144 -8.42 -42.08 -0.56
N ASN D 145 -8.54 -42.81 -1.67
CA ASN D 145 -7.47 -43.73 -2.05
C ASN D 145 -6.15 -42.99 -2.23
N GLN D 146 -6.19 -41.85 -2.91
CA GLN D 146 -4.98 -41.07 -3.14
C GLN D 146 -4.46 -40.46 -1.84
N ALA D 147 -5.37 -40.00 -0.98
CA ALA D 147 -4.96 -39.46 0.31
C ALA D 147 -4.14 -40.48 1.10
N LYS D 148 -4.58 -41.73 1.13
CA LYS D 148 -3.78 -42.77 1.76
C LYS D 148 -2.43 -42.94 1.06
N LYS D 149 -2.43 -42.83 -0.27
CA LYS D 149 -1.21 -43.07 -1.04
C LYS D 149 -0.22 -41.93 -0.89
N LEU D 150 -0.71 -40.72 -0.60
CA LEU D 150 0.15 -39.57 -0.34
C LEU D 150 0.59 -39.49 1.11
N GLY D 151 0.26 -40.49 1.92
CA GLY D 151 0.70 -40.54 3.30
C GLY D 151 -0.14 -39.76 4.28
N MET D 152 -1.35 -39.35 3.91
CA MET D 152 -2.23 -38.66 4.84
C MET D 152 -2.85 -39.65 5.82
N SER D 153 -3.00 -39.22 7.07
CA SER D 153 -3.51 -40.06 8.13
C SER D 153 -4.98 -40.40 7.90
N SER D 154 -5.48 -41.33 8.69
CA SER D 154 -6.88 -41.70 8.57
C SER D 154 -7.83 -40.65 9.15
N LYS D 155 -7.31 -39.56 9.71
CA LYS D 155 -8.18 -38.45 10.12
C LYS D 155 -8.67 -37.64 8.93
N THR D 156 -8.04 -37.81 7.76
CA THR D 156 -8.45 -37.09 6.56
C THR D 156 -9.60 -37.82 5.87
N THR D 157 -10.67 -37.10 5.58
CA THR D 157 -11.77 -37.67 4.79
C THR D 157 -12.24 -36.64 3.80
N PHE D 158 -12.10 -36.95 2.51
CA PHE D 158 -12.71 -36.17 1.45
C PHE D 158 -14.10 -36.70 1.17
N VAL D 159 -15.01 -35.79 0.85
CA VAL D 159 -16.38 -36.15 0.51
C VAL D 159 -16.77 -35.71 -0.89
N SER D 160 -16.05 -34.80 -1.54
CA SER D 160 -16.48 -34.25 -2.81
C SER D 160 -15.31 -33.53 -3.45
N ALA D 161 -15.37 -33.37 -4.78
CA ALA D 161 -14.30 -32.69 -5.52
C ALA D 161 -14.17 -31.24 -5.12
N SER D 162 -15.29 -30.60 -4.74
CA SER D 162 -15.28 -29.19 -4.37
C SER D 162 -14.97 -28.96 -2.91
N GLY D 163 -15.25 -29.95 -2.06
CA GLY D 163 -15.23 -29.77 -0.62
C GLY D 163 -16.56 -29.39 -0.03
N LEU D 164 -17.57 -29.12 -0.86
CA LEU D 164 -18.91 -28.94 -0.35
C LEU D 164 -19.39 -30.22 0.34
N ASP D 165 -20.23 -30.03 1.35
CA ASP D 165 -20.85 -31.15 2.06
C ASP D 165 -21.61 -32.05 1.09
N VAL D 166 -21.62 -33.36 1.39
CA VAL D 166 -22.43 -34.32 0.66
C VAL D 166 -23.19 -35.15 1.69
N ASP D 167 -24.53 -35.13 1.59
CA ASP D 167 -25.38 -35.87 2.53
C ASP D 167 -25.06 -35.49 3.97
N GLY D 168 -24.78 -34.20 4.20
CA GLY D 168 -24.46 -33.72 5.52
C GLY D 168 -23.08 -34.05 6.02
N LYS D 169 -22.29 -34.79 5.25
CA LYS D 169 -20.94 -35.16 5.63
C LYS D 169 -19.94 -34.11 5.12
N SER D 170 -18.97 -33.77 5.95
CA SER D 170 -18.02 -32.72 5.65
C SER D 170 -16.61 -33.27 5.44
N ALA D 171 -15.88 -32.66 4.51
CA ALA D 171 -14.46 -32.96 4.33
C ALA D 171 -13.67 -32.47 5.54
N VAL D 172 -12.78 -33.31 6.04
CA VAL D 172 -12.03 -33.01 7.25
C VAL D 172 -10.59 -33.46 7.07
N SER D 173 -9.68 -32.78 7.76
CA SER D 173 -8.28 -33.14 7.73
C SER D 173 -7.59 -32.50 8.92
N THR D 174 -6.26 -32.53 8.90
CA THR D 174 -5.40 -31.89 9.90
C THR D 174 -4.36 -31.06 9.15
N THR D 175 -3.72 -30.11 9.85
CA THR D 175 -2.68 -29.33 9.20
C THR D 175 -1.53 -30.22 8.75
N LYS D 176 -1.13 -31.20 9.58
CA LYS D 176 -0.07 -32.12 9.16
C LYS D 176 -0.44 -32.88 7.90
N ASP D 177 -1.69 -33.36 7.80
CA ASP D 177 -2.11 -34.08 6.60
C ASP D 177 -2.15 -33.13 5.40
N LEU D 178 -2.65 -31.91 5.62
CA LEU D 178 -2.70 -30.95 4.53
C LEU D 178 -1.30 -30.56 4.08
N PHE D 179 -0.31 -30.62 4.97
CA PHE D 179 1.04 -30.32 4.52
C PHE D 179 1.54 -31.43 3.61
N LEU D 180 1.20 -32.68 3.92
CA LEU D 180 1.70 -33.80 3.13
C LEU D 180 1.06 -33.82 1.77
N LEU D 181 -0.23 -33.46 1.70
CA LEU D 181 -0.88 -33.33 0.41
C LEU D 181 -0.23 -32.23 -0.42
N SER D 182 -0.11 -31.04 0.17
CA SER D 182 0.37 -29.88 -0.58
C SER D 182 1.80 -30.09 -1.07
N SER D 183 2.67 -30.59 -0.19
CA SER D 183 4.06 -30.84 -0.58
C SER D 183 4.14 -31.88 -1.69
N LYS D 184 3.35 -32.95 -1.58
CA LYS D 184 3.39 -33.98 -2.62
C LYS D 184 2.81 -33.44 -3.93
N LEU D 185 1.78 -32.60 -3.86
CA LEU D 185 1.27 -31.95 -5.06
C LEU D 185 2.36 -31.10 -5.72
N ILE D 186 3.06 -30.29 -4.92
CA ILE D 186 4.05 -29.37 -5.48
C ILE D 186 5.22 -30.14 -6.07
N SER D 187 5.68 -31.20 -5.38
CA SER D 187 6.85 -31.90 -5.90
C SER D 187 6.50 -32.81 -7.07
N THR D 188 5.27 -33.32 -7.11
CA THR D 188 4.85 -34.21 -8.19
C THR D 188 4.45 -33.42 -9.42
N HIS D 189 3.79 -32.28 -9.22
CA HIS D 189 3.23 -31.48 -10.31
C HIS D 189 3.60 -30.02 -10.07
N PRO D 190 4.90 -29.68 -10.17
CA PRO D 190 5.30 -28.30 -9.86
C PRO D 190 4.61 -27.27 -10.73
N GLU D 191 4.12 -27.66 -11.90
CA GLU D 191 3.40 -26.71 -12.76
C GLU D 191 2.11 -26.21 -12.12
N VAL D 192 1.64 -26.84 -11.04
CA VAL D 192 0.47 -26.29 -10.35
C VAL D 192 0.73 -24.84 -9.94
N LEU D 193 1.98 -24.51 -9.62
CA LEU D 193 2.32 -23.16 -9.17
C LEU D 193 2.25 -22.14 -10.31
N GLU D 194 2.40 -22.59 -11.57
CA GLU D 194 2.24 -21.67 -12.69
C GLU D 194 0.83 -21.10 -12.70
N THR D 195 -0.17 -21.89 -12.30
CA THR D 195 -1.54 -21.41 -12.18
C THR D 195 -1.77 -20.66 -10.87
N THR D 196 -1.40 -21.26 -9.71
CA THR D 196 -1.76 -20.61 -8.44
C THR D 196 -0.97 -19.33 -8.18
N SER D 197 0.15 -19.09 -8.88
CA SER D 197 0.90 -17.84 -8.73
C SER D 197 0.28 -16.67 -9.49
N LYS D 198 -0.78 -16.88 -10.28
CA LYS D 198 -1.22 -15.70 -11.03
C LYS D 198 -2.36 -15.01 -10.30
N PRO D 199 -2.33 -13.69 -10.13
CA PRO D 199 -3.51 -13.01 -9.57
C PRO D 199 -4.74 -13.10 -10.47
N THR D 200 -4.54 -13.29 -11.78
CA THR D 200 -5.63 -13.42 -12.74
C THR D 200 -5.22 -14.43 -13.79
N VAL D 201 -6.06 -15.43 -14.05
CA VAL D 201 -5.86 -16.32 -15.19
C VAL D 201 -6.81 -15.89 -16.29
N THR D 202 -6.27 -15.64 -17.47
CA THR D 202 -7.06 -15.30 -18.65
C THR D 202 -7.18 -16.53 -19.53
N THR D 203 -8.40 -16.99 -19.76
CA THR D 203 -8.55 -18.12 -20.66
C THR D 203 -8.23 -17.71 -22.09
N ASP D 204 -8.05 -18.70 -22.96
CA ASP D 204 -7.76 -18.41 -24.36
C ASP D 204 -8.84 -17.56 -25.01
N LYS D 205 -10.10 -17.73 -24.59
CA LYS D 205 -11.20 -16.96 -25.16
C LYS D 205 -11.49 -15.68 -24.39
N GLY D 206 -10.62 -15.31 -23.44
CA GLY D 206 -10.65 -13.99 -22.84
C GLY D 206 -11.32 -13.88 -21.49
N ALA D 207 -11.77 -14.98 -20.90
CA ALA D 207 -12.44 -14.91 -19.61
C ALA D 207 -11.39 -14.69 -18.53
N LYS D 208 -11.69 -13.79 -17.60
CA LYS D 208 -10.76 -13.43 -16.55
C LYS D 208 -11.17 -14.14 -15.28
N LEU D 209 -10.25 -14.92 -14.73
CA LEU D 209 -10.47 -15.69 -13.50
C LEU D 209 -9.63 -15.07 -12.40
N GLU D 210 -10.27 -14.37 -11.47
CA GLU D 210 -9.57 -13.65 -10.41
C GLU D 210 -9.23 -14.59 -9.26
N SER D 211 -7.97 -14.57 -8.85
CA SER D 211 -7.54 -15.39 -7.73
C SER D 211 -8.10 -14.86 -6.42
N THR D 212 -8.42 -15.78 -5.51
CA THR D 212 -8.78 -15.47 -4.14
C THR D 212 -7.57 -15.26 -3.26
N ASN D 213 -6.37 -15.55 -3.76
CA ASN D 213 -5.15 -15.40 -3.00
C ASN D 213 -4.72 -13.94 -3.05
N ASP D 214 -5.14 -13.17 -2.04
CA ASP D 214 -4.80 -11.75 -2.00
C ASP D 214 -3.34 -11.49 -1.65
N LEU D 215 -2.60 -12.50 -1.21
CA LEU D 215 -1.22 -12.29 -0.83
C LEU D 215 -0.27 -12.35 -2.01
N LEU D 216 -0.75 -12.75 -3.19
CA LEU D 216 0.13 -12.74 -4.37
C LEU D 216 0.64 -11.32 -4.62
N GLY D 217 1.95 -11.18 -4.77
CA GLY D 217 2.55 -9.87 -4.93
C GLY D 217 2.82 -9.11 -3.64
N SER D 218 2.46 -9.67 -2.48
CA SER D 218 2.64 -9.02 -1.19
C SER D 218 3.76 -9.63 -0.36
N ILE D 219 3.94 -10.94 -0.43
CA ILE D 219 5.04 -11.65 0.21
C ILE D 219 5.95 -12.16 -0.89
N GLN D 220 7.23 -11.80 -0.83
CA GLN D 220 8.15 -12.20 -1.88
C GLN D 220 8.29 -13.71 -1.91
N GLY D 221 8.20 -14.29 -3.12
CA GLY D 221 8.35 -15.71 -3.28
C GLY D 221 7.09 -16.53 -3.10
N LEU D 222 6.00 -15.91 -2.63
CA LEU D 222 4.76 -16.64 -2.42
C LEU D 222 4.11 -16.94 -3.77
N ASP D 223 3.74 -18.20 -4.00
CA ASP D 223 3.19 -18.55 -5.30
C ASP D 223 2.03 -19.55 -5.20
N GLY D 224 1.40 -19.64 -4.06
CA GLY D 224 0.29 -20.56 -3.83
C GLY D 224 -0.23 -20.34 -2.42
N LEU D 225 -1.21 -21.15 -2.03
CA LEU D 225 -1.70 -22.30 -2.80
C LEU D 225 -3.23 -22.31 -2.96
N LYS D 226 -4.01 -22.12 -1.87
CA LYS D 226 -5.46 -22.31 -2.00
C LYS D 226 -6.22 -21.79 -0.77
N THR D 227 -7.31 -21.07 -1.04
CA THR D 227 -8.21 -20.55 -0.02
C THR D 227 -9.41 -21.48 0.19
N GLY D 228 -10.10 -21.29 1.31
CA GLY D 228 -11.38 -21.93 1.54
C GLY D 228 -12.20 -21.18 2.57
N PHE D 229 -13.52 -21.37 2.51
CA PHE D 229 -14.41 -20.85 3.54
C PHE D 229 -15.76 -21.56 3.50
N THR D 230 -16.21 -22.00 4.67
CA THR D 230 -17.61 -22.27 4.97
C THR D 230 -17.86 -21.72 6.36
N ASP D 231 -19.14 -21.65 6.76
CA ASP D 231 -19.43 -21.28 8.13
C ASP D 231 -18.71 -22.18 9.12
N GLU D 232 -18.67 -23.48 8.82
CA GLU D 232 -18.11 -24.43 9.78
C GLU D 232 -16.59 -24.47 9.72
N ALA D 233 -16.01 -24.30 8.53
CA ALA D 233 -14.56 -24.31 8.38
C ALA D 233 -13.92 -22.97 8.73
N GLY D 234 -14.69 -21.89 8.79
CA GLY D 234 -14.02 -20.61 8.92
C GLY D 234 -13.20 -20.32 7.68
N TYR D 235 -12.48 -19.21 7.74
CA TYR D 235 -11.65 -18.79 6.62
C TYR D 235 -10.30 -19.50 6.68
N CYS D 236 -9.94 -20.17 5.60
CA CYS D 236 -8.77 -21.03 5.57
C CYS D 236 -7.88 -20.67 4.39
N PHE D 237 -6.59 -21.00 4.52
CA PHE D 237 -5.65 -20.76 3.43
C PHE D 237 -4.43 -21.63 3.61
N ILE D 238 -4.03 -22.30 2.54
CA ILE D 238 -2.74 -22.97 2.47
C ILE D 238 -1.84 -22.10 1.61
N GLY D 239 -0.73 -21.64 2.16
CA GLY D 239 0.15 -20.80 1.38
C GLY D 239 1.45 -21.52 1.11
N THR D 240 2.16 -21.10 0.06
CA THR D 240 3.51 -21.61 -0.14
C THR D 240 4.35 -20.51 -0.76
N ALA D 241 5.63 -20.47 -0.36
CA ALA D 241 6.59 -19.50 -0.84
C ALA D 241 7.96 -20.16 -0.94
N GLU D 242 8.79 -19.65 -1.84
CA GLU D 242 10.17 -20.15 -1.92
C GLU D 242 11.14 -18.99 -2.06
N ARG D 243 12.24 -19.08 -1.30
CA ARG D 243 13.34 -18.11 -1.37
C ARG D 243 14.66 -18.86 -1.27
N GLY D 244 15.59 -18.57 -2.17
CA GLY D 244 16.93 -19.15 -2.15
C GLY D 244 16.98 -20.64 -1.89
N GLY D 245 16.21 -21.42 -2.64
CA GLY D 245 16.20 -22.86 -2.51
C GLY D 245 15.29 -23.41 -1.44
N LYS D 246 14.77 -22.58 -0.55
CA LYS D 246 13.99 -23.04 0.58
C LYS D 246 12.52 -22.76 0.33
N ARG D 247 11.70 -23.81 0.34
CA ARG D 247 10.26 -23.65 0.23
C ARG D 247 9.60 -23.95 1.57
N VAL D 248 8.61 -23.15 1.93
CA VAL D 248 7.80 -23.41 3.13
C VAL D 248 6.35 -23.55 2.72
N ILE D 249 5.59 -24.27 3.53
CA ILE D 249 4.15 -24.41 3.34
C ILE D 249 3.46 -24.05 4.64
N SER D 250 2.49 -23.13 4.57
CA SER D 250 1.74 -22.68 5.74
C SER D 250 0.30 -23.17 5.63
N ILE D 251 -0.27 -23.61 6.74
CA ILE D 251 -1.68 -24.02 6.82
C ILE D 251 -2.37 -23.13 7.83
N VAL D 252 -3.53 -22.59 7.47
CA VAL D 252 -4.35 -21.75 8.34
C VAL D 252 -5.78 -22.25 8.24
N LEU D 253 -6.35 -22.69 9.36
CA LEU D 253 -7.71 -23.21 9.41
C LEU D 253 -8.54 -22.41 10.41
N ASP D 254 -9.73 -21.99 9.98
CA ASP D 254 -10.74 -21.39 10.86
C ASP D 254 -10.29 -20.05 11.43
N ALA D 255 -9.75 -19.20 10.55
CA ALA D 255 -9.56 -17.81 10.92
C ALA D 255 -10.90 -17.09 10.88
N GLY D 256 -10.94 -15.92 11.51
CA GLY D 256 -12.21 -15.24 11.77
C GLY D 256 -12.76 -14.38 10.66
N THR D 257 -11.90 -13.89 9.76
CA THR D 257 -12.35 -13.10 8.63
C THR D 257 -11.58 -13.51 7.39
N ALA D 258 -12.06 -13.02 6.24
CA ALA D 258 -11.38 -13.26 4.97
C ALA D 258 -9.97 -12.67 4.97
N GLU D 259 -9.77 -11.55 5.69
CA GLU D 259 -8.44 -10.94 5.75
C GLU D 259 -7.54 -11.61 6.79
N LYS D 260 -8.09 -12.08 7.91
CA LYS D 260 -7.26 -12.59 8.99
C LYS D 260 -6.53 -13.87 8.62
N ARG D 261 -7.10 -14.71 7.74
CA ARG D 261 -6.35 -15.89 7.30
C ARG D 261 -5.05 -15.46 6.63
N PHE D 262 -5.07 -14.33 5.95
CA PHE D 262 -3.87 -13.82 5.30
C PHE D 262 -2.94 -13.12 6.29
N LYS D 263 -3.48 -12.37 7.27
CA LYS D 263 -2.60 -11.85 8.30
C LYS D 263 -1.90 -12.97 9.04
N ASP D 264 -2.64 -14.06 9.34
CA ASP D 264 -2.03 -15.24 9.95
C ASP D 264 -0.92 -15.81 9.07
N THR D 265 -1.16 -15.83 7.75
CA THR D 265 -0.15 -16.38 6.85
C THR D 265 1.10 -15.50 6.80
N GLU D 266 0.94 -14.18 6.92
CA GLU D 266 2.11 -13.30 6.97
C GLU D 266 2.98 -13.65 8.17
N LYS D 267 2.35 -13.90 9.31
CA LYS D 267 3.09 -14.28 10.52
C LYS D 267 3.81 -15.61 10.33
N LEU D 268 3.14 -16.58 9.71
CA LEU D 268 3.76 -17.90 9.55
C LEU D 268 4.90 -17.87 8.54
N MET D 269 4.76 -17.05 7.50
CA MET D 269 5.81 -16.92 6.50
C MET D 269 7.03 -16.20 7.07
N GLU D 270 6.81 -15.24 7.96
CA GLU D 270 7.93 -14.62 8.66
C GLU D 270 8.70 -15.68 9.46
N VAL D 271 7.98 -16.53 10.18
CA VAL D 271 8.62 -17.60 10.95
C VAL D 271 9.33 -18.57 10.01
N GLY D 272 8.72 -18.84 8.86
CA GLY D 272 9.26 -19.85 7.96
C GLY D 272 10.58 -19.46 7.32
N PHE D 273 10.82 -18.16 7.13
CA PHE D 273 12.07 -17.69 6.56
C PHE D 273 12.96 -16.97 7.56
N LYS D 274 12.74 -17.22 8.85
CA LYS D 274 13.56 -16.57 9.88
C LYS D 274 15.00 -17.06 9.78
O8 PNM E . 6.50 32.62 8.13
C7 PNM E . 7.44 31.95 8.45
N4 PNM E . 6.37 30.15 9.81
C3 PNM E . 5.23 30.37 10.72
C11 PNM E . 4.25 29.39 10.43
O13 PNM E . 3.03 29.61 10.69
O12 PNM E . 4.61 28.30 9.89
C2 PNM E . 5.87 30.22 12.27
C10 PNM E . 5.81 28.76 12.70
C9 PNM E . 4.99 31.04 13.21
S1 PNM E . 7.24 30.72 12.23
C5 PNM E . 7.65 30.70 10.58
C6 PNM E . 7.99 31.99 9.91
N14 PNM E . 7.42 33.15 10.58
C15 PNM E . 8.09 33.77 11.71
O16 PNM E . 9.12 33.35 12.13
C17 PNM E . 7.37 34.96 12.35
C18 PNM E . 8.35 35.88 13.05
C19 PNM E . 9.30 36.58 12.30
C20 PNM E . 10.18 37.43 12.95
C21 PNM E . 10.12 37.57 14.33
C22 PNM E . 9.18 36.87 15.07
C23 PNM E . 8.30 36.02 14.43
C1 GOL F . 16.50 13.12 -2.26
O1 GOL F . 15.81 13.85 -3.19
C2 GOL F . 17.62 12.34 -3.03
O2 GOL F . 18.36 11.58 -2.14
C3 GOL F . 16.86 11.44 -4.02
O3 GOL F . 16.46 12.24 -5.09
O8 PNM G . 8.76 -0.18 -18.87
C7 PNM G . 8.41 -0.42 -20.00
N4 PNM G . 9.30 1.80 -20.98
C3 PNM G . 9.06 3.03 -20.24
C11 PNM G . 10.32 3.65 -20.02
O13 PNM G . 11.29 3.29 -20.73
O12 PNM G . 10.53 4.52 -19.13
C2 PNM G . 7.98 3.85 -21.24
C10 PNM G . 8.73 4.60 -22.35
C9 PNM G . 7.24 4.86 -20.37
S1 PNM G . 7.06 2.86 -21.82
C5 PNM G . 7.88 1.39 -21.60
C6 PNM G . 7.28 0.38 -20.67
N14 PNM G . 6.52 0.98 -19.58
C15 PNM G . 5.11 1.25 -19.77
O16 PNM G . 4.62 1.02 -20.84
C17 PNM G . 4.34 1.88 -18.60
C18 PNM G . 2.83 1.75 -18.78
C19 PNM G . 2.25 0.49 -18.78
C20 PNM G . 0.87 0.37 -18.93
C21 PNM G . 0.11 1.51 -19.08
C22 PNM G . 0.69 2.76 -19.08
C23 PNM G . 2.07 2.88 -18.92
C1 GOL H . 23.05 -9.18 -36.52
O1 GOL H . 23.49 -7.88 -36.20
C2 GOL H . 23.59 -9.55 -37.95
O2 GOL H . 23.04 -8.76 -38.95
C3 GOL H . 25.10 -9.38 -37.85
O3 GOL H . 25.52 -10.30 -36.90
C1 GOL I . 15.32 -18.79 -15.46
O1 GOL I . 13.96 -18.48 -15.43
C2 GOL I . 15.99 -17.86 -14.41
O2 GOL I . 15.70 -18.24 -13.11
C3 GOL I . 17.50 -17.85 -14.76
O3 GOL I . 18.12 -18.86 -14.04
O8 PNM J . -16.62 8.70 28.87
C7 PNM J . -15.67 8.00 29.09
N4 PNM J . -17.04 6.26 30.38
C3 PNM J . -18.12 6.55 31.30
C11 PNM J . -19.19 5.75 30.83
O13 PNM J . -20.41 6.03 31.02
O12 PNM J . -18.92 4.73 30.13
C2 PNM J . -17.47 6.17 32.82
C10 PNM J . -17.68 4.68 33.09
C9 PNM J . -18.20 6.99 33.88
S1 PNM J . -16.04 6.54 32.80
C5 PNM J . -15.67 6.58 31.13
C6 PNM J . -15.19 7.86 30.55
N14 PNM J . -15.80 9.00 31.22
C15 PNM J . -15.14 9.63 32.32
O16 PNM J . -14.09 9.22 32.70
C17 PNM J . -15.86 10.82 32.96
C18 PNM J . -15.05 11.47 34.05
C19 PNM J . -13.85 12.08 33.76
C20 PNM J . -13.12 12.69 34.77
C21 PNM J . -13.62 12.68 36.07
C22 PNM J . -14.84 12.07 36.36
C23 PNM J . -15.57 11.47 35.35
C1 GOL K . -6.61 -10.38 17.08
O1 GOL K . -7.82 -10.63 17.73
C2 GOL K . -5.89 -11.73 16.80
O2 GOL K . -5.54 -12.44 17.95
C3 GOL K . -6.87 -12.49 15.91
O3 GOL K . -7.11 -11.66 14.84
C1 GOL L . -8.71 17.65 13.56
O1 GOL L . -9.80 18.01 12.75
C2 GOL L . -8.16 16.29 13.02
O2 GOL L . -9.04 15.24 13.19
C3 GOL L . -6.82 16.07 13.75
O3 GOL L . -5.99 15.39 12.87
O8 PNM M . -14.53 -23.30 0.46
C7 PNM M . -14.76 -23.54 -0.68
N4 PNM M . -13.78 -21.28 -1.49
C3 PNM M . -14.03 -20.04 -0.77
C11 PNM M . -12.76 -19.41 -0.58
O13 PNM M . -11.81 -19.76 -1.31
O12 PNM M . -12.54 -18.56 0.34
C2 PNM M . -15.12 -19.20 -1.76
C10 PNM M . -14.35 -18.45 -2.84
C9 PNM M . -15.92 -18.23 -0.90
S1 PNM M . -16.01 -20.19 -2.38
C5 PNM M . -15.16 -21.64 -2.21
C6 PNM M . -15.84 -22.70 -1.40
N14 PNM M . -16.69 -22.11 -0.37
C15 PNM M . -18.12 -21.90 -0.58
O16 PNM M . -18.61 -22.18 -1.61
C17 PNM M . -18.92 -21.26 0.54
C18 PNM M . -20.41 -21.59 0.43
C19 PNM M . -20.83 -22.92 0.52
C20 PNM M . -22.19 -23.22 0.42
C21 PNM M . -23.10 -22.19 0.22
C22 PNM M . -22.66 -20.87 0.14
C23 PNM M . -21.32 -20.57 0.25
C1 GOL N . 0.28 -32.09 -16.79
O1 GOL N . 0.54 -30.74 -16.58
C2 GOL N . 0.80 -32.44 -18.23
O2 GOL N . 0.20 -31.64 -19.22
C3 GOL N . 2.34 -32.26 -18.19
O3 GOL N . 2.79 -32.90 -17.03
C1 GOL O . 3.86 -33.63 10.05
O1 GOL O . 3.24 -33.40 8.83
C2 GOL O . 5.36 -33.44 9.81
O2 GOL O . 6.13 -33.92 10.87
C3 GOL O . 5.64 -34.18 8.50
O3 GOL O . 6.33 -33.31 7.67
C1 GOL P . -8.95 -41.82 3.56
O1 GOL P . -10.12 -41.39 4.19
C2 GOL P . -7.78 -41.25 4.37
O2 GOL P . -7.93 -41.53 5.70
C3 GOL P . -6.52 -41.90 3.77
O3 GOL P . -5.58 -42.03 4.79
#